data_3CUQ
#
_entry.id   3CUQ
#
_cell.length_a   70.162
_cell.length_b   89.153
_cell.length_c   91.437
_cell.angle_alpha   90.00
_cell.angle_beta   101.52
_cell.angle_gamma   90.00
#
_symmetry.space_group_name_H-M   'P 1 21 1'
#
loop_
_entity.id
_entity.type
_entity.pdbx_description
1 polymer 'Vacuolar-sorting protein SNF8'
2 polymer 'Vacuolar protein-sorting-associated protein 36'
3 polymer 'Vacuolar protein-sorting-associated protein 25'
4 water water
#
loop_
_entity_poly.entity_id
_entity_poly.type
_entity_poly.pdbx_seq_one_letter_code
_entity_poly.pdbx_strand_id
1 'polypeptide(L)'
;GTVLAEDQLAQMSKQLDMFKTNLEEFASKHKQEIRKNPEFRVQFQDMCATIGVDPLASGKGFWSEMLGVGDFYYELGVQI
IEVCLALKHRNGGLITLEELHQQVLKGRGKFAQDVSQDDLIRAIKKLKALGTGFGIIPVGGTYLIQSVPAELNMDHTVVL
QLAEKNGYVTVSEIKASLKWETERARQVLEHLLKEGLAWLDLQAPGEAHYWLPALFTDLYSQEITAEEAREALP
;
A
2 'polypeptide(L)'
;ETDKNISEAFEDLSKLMIKAKEMVELSKSIANKIKDKQGDITEDETIRFKSYLLSMGIANPVTRETYGSGTQYHMQLAKQ
LAGILQVPLEERGGIMSLTEVYCLVNRARGMELLSPEDLVNACKMLEALKLPLRLRVFDSGVMVIELQSHKEEEMVASAL
ETVSEKGSLTSEEFAKLVGMSVLLAKERLLLAEKMGHLCRDDSVEGLRFYPNLFMTQS
;
B
3 'polypeptide(L)'
;MAMSFEWPWQYRFPPFFTLQPNVDTRQKQLAAWCSLVLSFCRLHKQSSMTVMEAQESPLFNNVKLQRKLPVESIQIVLEE
LRKKGNLEWLDKSKSSFLIMWRRPEEWGKLIYQWVSRSGQNNSVFTLYELTNGEDTEDEEFHGLDEATLLRALQALQQEH
KAEIITVSDGRGVKFF
;
C,D
#
# COMPACT_ATOMS: atom_id res chain seq x y z
N ALA A 10 -28.28 -36.00 -25.35
CA ALA A 10 -28.77 -34.81 -24.61
C ALA A 10 -29.58 -35.21 -23.37
N GLN A 11 -29.06 -36.20 -22.64
CA GLN A 11 -29.73 -36.75 -21.46
C GLN A 11 -29.95 -35.70 -20.35
N MET A 12 -28.97 -34.82 -20.17
CA MET A 12 -29.03 -33.78 -19.14
C MET A 12 -29.64 -32.46 -19.63
N SER A 13 -29.47 -32.17 -20.92
CA SER A 13 -29.89 -30.92 -21.54
C SER A 13 -31.41 -30.69 -21.56
N LYS A 14 -32.19 -31.77 -21.47
CA LYS A 14 -33.64 -31.68 -21.38
C LYS A 14 -34.04 -30.94 -20.10
N GLN A 15 -33.49 -31.39 -18.98
CA GLN A 15 -33.80 -30.80 -17.67
C GLN A 15 -33.16 -29.43 -17.50
N LEU A 16 -32.22 -29.11 -18.39
CA LEU A 16 -31.55 -27.81 -18.41
C LEU A 16 -32.53 -26.70 -18.80
N ASP A 17 -33.18 -26.87 -19.94
CA ASP A 17 -34.15 -25.88 -20.43
C ASP A 17 -35.38 -25.80 -19.54
N MET A 18 -35.66 -26.90 -18.82
CA MET A 18 -36.70 -26.93 -17.81
C MET A 18 -36.47 -25.80 -16.82
N PHE A 19 -35.29 -25.84 -16.21
CA PHE A 19 -34.92 -24.91 -15.16
C PHE A 19 -34.92 -23.45 -15.61
N LYS A 20 -34.42 -23.20 -16.82
CA LYS A 20 -34.40 -21.85 -17.39
C LYS A 20 -35.71 -21.10 -17.18
N THR A 21 -36.81 -21.70 -17.62
CA THR A 21 -38.12 -21.07 -17.58
C THR A 21 -38.78 -20.98 -16.20
N ASN A 22 -38.36 -21.86 -15.27
CA ASN A 22 -38.85 -21.80 -13.89
C ASN A 22 -38.30 -20.57 -13.18
N LEU A 23 -37.00 -20.35 -13.38
CA LEU A 23 -36.27 -19.27 -12.75
C LEU A 23 -36.70 -17.91 -13.28
N GLU A 24 -36.92 -17.83 -14.59
CA GLU A 24 -37.30 -16.57 -15.25
C GLU A 24 -38.60 -16.01 -14.68
N GLU A 25 -39.57 -16.90 -14.47
CA GLU A 25 -40.82 -16.54 -13.83
C GLU A 25 -40.47 -16.08 -12.42
N PHE A 26 -39.74 -16.93 -11.70
CA PHE A 26 -39.29 -16.64 -10.34
C PHE A 26 -38.75 -15.22 -10.27
N ALA A 27 -37.94 -14.85 -11.26
CA ALA A 27 -37.38 -13.52 -11.39
C ALA A 27 -38.43 -12.45 -11.60
N SER A 28 -39.30 -12.66 -12.58
CA SER A 28 -40.22 -11.62 -13.04
C SER A 28 -41.10 -10.98 -11.95
N LYS A 29 -41.47 -11.76 -10.92
CA LYS A 29 -42.32 -11.22 -9.86
C LYS A 29 -41.56 -10.95 -8.56
N HIS A 30 -40.29 -11.37 -8.50
CA HIS A 30 -39.46 -11.18 -7.31
C HIS A 30 -38.14 -10.45 -7.61
N LYS A 31 -38.13 -9.67 -8.69
CA LYS A 31 -36.92 -8.96 -9.13
C LYS A 31 -36.35 -8.06 -8.04
N GLN A 32 -37.04 -6.94 -7.79
CA GLN A 32 -36.54 -5.86 -6.94
C GLN A 32 -36.49 -6.17 -5.44
N GLU A 33 -37.06 -7.30 -5.03
CA GLU A 33 -37.05 -7.71 -3.61
C GLU A 33 -35.62 -7.95 -3.13
N ILE A 34 -34.89 -8.79 -3.86
CA ILE A 34 -33.47 -9.04 -3.60
C ILE A 34 -32.68 -7.74 -3.61
N ARG A 35 -33.06 -6.83 -4.51
CA ARG A 35 -32.47 -5.50 -4.60
C ARG A 35 -33.00 -4.50 -3.55
N LYS A 36 -34.12 -4.82 -2.88
CA LYS A 36 -34.77 -3.85 -1.97
C LYS A 36 -34.54 -4.06 -0.47
N ASN A 37 -34.47 -5.31 -0.03
CA ASN A 37 -34.19 -5.59 1.39
C ASN A 37 -33.04 -6.58 1.62
N PRO A 38 -32.04 -6.17 2.42
CA PRO A 38 -30.87 -6.98 2.79
C PRO A 38 -31.21 -8.37 3.34
N GLU A 39 -32.14 -8.45 4.28
CA GLU A 39 -32.47 -9.70 4.96
C GLU A 39 -32.85 -10.83 3.99
N PHE A 40 -33.44 -10.47 2.87
CA PHE A 40 -33.89 -11.46 1.89
C PHE A 40 -32.77 -12.05 1.05
N ARG A 41 -31.79 -11.23 0.70
CA ARG A 41 -30.59 -11.68 0.00
C ARG A 41 -29.95 -12.88 0.68
N VAL A 42 -29.67 -12.73 1.98
CA VAL A 42 -28.99 -13.77 2.74
C VAL A 42 -29.72 -15.10 2.62
N GLN A 43 -31.04 -15.06 2.77
CA GLN A 43 -31.87 -16.26 2.62
C GLN A 43 -31.51 -16.98 1.33
N PHE A 44 -31.83 -16.36 0.19
CA PHE A 44 -31.52 -16.93 -1.12
C PHE A 44 -30.11 -17.48 -1.20
N GLN A 45 -29.15 -16.72 -0.71
CA GLN A 45 -27.77 -17.12 -0.77
C GLN A 45 -27.51 -18.34 0.10
N ASP A 46 -27.88 -18.27 1.37
CA ASP A 46 -27.59 -19.35 2.34
C ASP A 46 -28.17 -20.71 1.94
N MET A 47 -29.24 -20.71 1.15
CA MET A 47 -29.79 -21.97 0.67
C MET A 47 -29.00 -22.55 -0.50
N CYS A 48 -28.44 -21.67 -1.33
CA CYS A 48 -27.63 -22.07 -2.48
C CYS A 48 -26.43 -22.94 -2.09
N ALA A 49 -25.73 -22.56 -1.03
CA ALA A 49 -24.53 -23.27 -0.58
C ALA A 49 -24.83 -24.65 0.03
N THR A 50 -26.08 -24.85 0.48
CA THR A 50 -26.55 -26.17 0.91
C THR A 50 -26.70 -27.08 -0.32
N ILE A 51 -27.25 -26.52 -1.39
CA ILE A 51 -27.45 -27.24 -2.65
C ILE A 51 -26.12 -27.62 -3.32
N GLY A 52 -25.13 -26.73 -3.20
CA GLY A 52 -23.86 -26.92 -3.88
C GLY A 52 -23.76 -26.08 -5.14
N VAL A 53 -24.52 -24.98 -5.16
CA VAL A 53 -24.46 -24.00 -6.26
C VAL A 53 -24.01 -22.64 -5.75
N ASP A 54 -23.42 -21.87 -6.66
CA ASP A 54 -22.92 -20.53 -6.37
C ASP A 54 -23.46 -19.56 -7.41
N PRO A 55 -24.41 -18.70 -6.99
CA PRO A 55 -25.09 -17.74 -7.86
C PRO A 55 -24.13 -16.66 -8.34
N LEU A 56 -23.03 -16.52 -7.62
CA LEU A 56 -22.05 -15.48 -7.85
C LEU A 56 -20.83 -15.96 -8.60
N ALA A 57 -20.75 -17.25 -8.86
CA ALA A 57 -19.57 -17.84 -9.49
C ALA A 57 -19.30 -17.24 -10.85
N SER A 58 -20.34 -17.00 -11.63
CA SER A 58 -20.16 -16.61 -13.04
C SER A 58 -21.21 -15.67 -13.62
N GLY A 59 -20.80 -14.87 -14.60
CA GLY A 59 -21.73 -14.02 -15.34
C GLY A 59 -22.54 -14.83 -16.31
N LYS A 60 -22.01 -15.99 -16.71
CA LYS A 60 -22.75 -16.97 -17.52
C LYS A 60 -23.62 -17.89 -16.65
N GLY A 61 -23.59 -17.66 -15.34
CA GLY A 61 -24.54 -18.30 -14.45
C GLY A 61 -25.92 -17.81 -14.80
N PHE A 62 -26.93 -18.64 -14.56
CA PHE A 62 -28.31 -18.29 -14.86
C PHE A 62 -28.81 -17.31 -13.81
N TRP A 63 -28.43 -17.61 -12.57
CA TRP A 63 -28.80 -16.84 -11.38
C TRP A 63 -28.44 -15.38 -11.57
N SER A 64 -27.20 -15.16 -12.00
CA SER A 64 -26.73 -13.81 -12.29
C SER A 64 -27.43 -13.24 -13.52
N GLU A 65 -27.58 -14.04 -14.57
CA GLU A 65 -28.17 -13.53 -15.81
C GLU A 65 -29.58 -12.99 -15.55
N MET A 66 -30.41 -13.78 -14.86
CA MET A 66 -31.79 -13.38 -14.59
C MET A 66 -32.01 -12.55 -13.33
N LEU A 67 -31.27 -12.85 -12.28
CA LEU A 67 -31.50 -12.16 -11.01
C LEU A 67 -30.68 -10.88 -10.87
N GLY A 68 -29.54 -10.85 -11.54
CA GLY A 68 -28.69 -9.67 -11.48
C GLY A 68 -27.80 -9.60 -10.25
N VAL A 69 -27.69 -10.69 -9.52
CA VAL A 69 -26.79 -10.76 -8.38
C VAL A 69 -25.30 -10.68 -8.78
N GLY A 70 -25.01 -10.97 -10.04
CA GLY A 70 -23.63 -10.85 -10.51
C GLY A 70 -23.19 -9.40 -10.65
N ASP A 71 -23.87 -8.67 -11.52
CA ASP A 71 -23.57 -7.26 -11.79
C ASP A 71 -23.69 -6.35 -10.54
N PHE A 72 -24.36 -6.84 -9.50
CA PHE A 72 -24.45 -6.09 -8.26
C PHE A 72 -23.17 -6.25 -7.44
N TYR A 73 -22.77 -7.51 -7.26
CA TYR A 73 -21.58 -7.88 -6.48
C TYR A 73 -20.24 -7.66 -7.24
N TYR A 74 -20.15 -8.16 -8.48
CA TYR A 74 -18.95 -7.93 -9.30
C TYR A 74 -18.60 -6.44 -9.36
N GLU A 75 -19.64 -5.59 -9.40
CA GLU A 75 -19.52 -4.12 -9.30
C GLU A 75 -19.11 -3.63 -7.90
N LEU A 76 -19.68 -4.25 -6.88
CA LEU A 76 -19.30 -3.97 -5.51
C LEU A 76 -17.80 -4.22 -5.27
N GLY A 77 -17.24 -5.24 -5.93
CA GLY A 77 -15.81 -5.49 -5.86
C GLY A 77 -14.97 -4.35 -6.43
N VAL A 78 -15.39 -3.78 -7.55
CA VAL A 78 -14.56 -2.73 -8.15
C VAL A 78 -14.53 -1.57 -7.18
N GLN A 79 -15.71 -1.27 -6.62
CA GLN A 79 -15.87 -0.17 -5.67
C GLN A 79 -15.07 -0.42 -4.42
N ILE A 80 -15.07 -1.64 -3.93
CA ILE A 80 -14.26 -1.99 -2.78
C ILE A 80 -12.74 -1.84 -3.12
N ILE A 81 -12.37 -2.23 -4.33
CA ILE A 81 -10.98 -2.11 -4.63
C ILE A 81 -10.66 -0.62 -4.55
N GLU A 82 -11.42 0.22 -5.26
CA GLU A 82 -11.08 1.63 -5.36
C GLU A 82 -11.06 2.37 -4.00
N VAL A 83 -12.05 2.14 -3.13
CA VAL A 83 -11.99 2.77 -1.84
C VAL A 83 -10.72 2.45 -1.10
N CYS A 84 -10.31 1.17 -1.12
CA CYS A 84 -9.13 0.73 -0.39
C CYS A 84 -7.90 1.43 -0.96
N LEU A 85 -7.87 1.73 -2.24
CA LEU A 85 -6.64 2.28 -2.81
C LEU A 85 -6.53 3.75 -2.47
N ALA A 86 -7.65 4.45 -2.66
CA ALA A 86 -7.76 5.84 -2.33
C ALA A 86 -7.32 6.03 -0.87
N LEU A 87 -7.62 5.02 -0.01
CA LEU A 87 -7.27 5.08 1.41
C LEU A 87 -5.92 4.48 1.79
N LYS A 88 -5.40 3.56 0.99
CA LYS A 88 -4.17 2.84 1.36
C LYS A 88 -2.99 3.72 1.88
N HIS A 89 -2.91 4.98 1.45
CA HIS A 89 -1.87 5.88 1.94
C HIS A 89 -2.05 6.37 3.39
N ARG A 90 -3.27 6.62 3.84
CA ARG A 90 -3.45 6.96 5.23
C ARG A 90 -3.19 5.74 6.12
N ASN A 91 -3.75 4.62 5.74
CA ASN A 91 -3.89 3.54 6.66
C ASN A 91 -3.09 2.26 6.37
N GLY A 92 -2.34 2.17 5.28
CA GLY A 92 -1.44 1.01 5.14
C GLY A 92 -1.95 -0.24 4.42
N GLY A 93 -3.27 -0.34 4.23
CA GLY A 93 -3.89 -1.39 3.48
C GLY A 93 -4.80 -2.15 4.41
N LEU A 94 -5.21 -1.48 5.49
CA LEU A 94 -6.05 -2.09 6.50
C LEU A 94 -7.20 -1.13 6.63
N ILE A 95 -8.43 -1.62 6.63
CA ILE A 95 -9.54 -0.73 6.87
C ILE A 95 -10.57 -1.48 7.72
N THR A 96 -11.29 -0.80 8.60
CA THR A 96 -12.36 -1.47 9.32
C THR A 96 -13.53 -1.70 8.36
N LEU A 97 -14.38 -2.69 8.65
CA LEU A 97 -15.52 -2.95 7.76
C LEU A 97 -16.47 -1.76 7.84
N GLU A 98 -16.48 -1.10 9.00
CA GLU A 98 -17.27 0.10 9.18
C GLU A 98 -16.91 1.19 8.16
N GLU A 99 -15.62 1.53 8.05
CA GLU A 99 -15.20 2.73 7.31
C GLU A 99 -15.36 2.43 5.85
N LEU A 100 -15.04 1.19 5.47
CA LEU A 100 -15.23 0.70 4.10
C LEU A 100 -16.65 0.95 3.70
N HIS A 101 -17.58 0.52 4.57
CA HIS A 101 -19.02 0.63 4.35
C HIS A 101 -19.47 2.08 4.16
N GLN A 102 -19.11 2.90 5.13
CA GLN A 102 -19.27 4.34 5.12
C GLN A 102 -18.82 4.99 3.78
N GLN A 103 -17.74 4.48 3.18
CA GLN A 103 -17.12 5.05 1.97
C GLN A 103 -17.67 4.53 0.64
N VAL A 104 -17.94 3.25 0.60
CA VAL A 104 -18.62 2.66 -0.52
C VAL A 104 -19.97 3.37 -0.64
N LEU A 105 -20.65 3.62 0.46
CA LEU A 105 -21.92 4.33 0.36
C LEU A 105 -21.75 5.79 -0.13
N LYS A 106 -20.80 6.50 0.47
CA LYS A 106 -20.53 7.88 0.12
C LYS A 106 -20.29 8.04 -1.39
N GLY A 107 -19.98 6.94 -2.06
CA GLY A 107 -19.57 7.03 -3.46
C GLY A 107 -20.53 6.30 -4.37
N ARG A 108 -21.58 5.74 -3.78
CA ARG A 108 -22.65 5.12 -4.55
C ARG A 108 -23.71 6.12 -5.04
N GLY A 109 -23.92 7.22 -4.31
CA GLY A 109 -24.80 8.31 -4.79
C GLY A 109 -26.22 8.19 -4.29
N LYS A 110 -27.20 8.61 -5.11
CA LYS A 110 -28.65 8.57 -4.75
C LYS A 110 -29.11 7.17 -4.33
N PHE A 111 -28.30 6.18 -4.70
CA PHE A 111 -28.37 4.84 -4.12
C PHE A 111 -27.30 4.64 -3.05
N ALA A 112 -27.42 5.37 -1.93
CA ALA A 112 -26.42 5.28 -0.84
C ALA A 112 -26.99 4.58 0.35
N GLN A 113 -27.79 3.54 0.11
CA GLN A 113 -28.19 2.65 1.21
C GLN A 113 -28.22 1.17 0.78
N ASP A 114 -28.53 0.95 -0.50
CA ASP A 114 -28.69 -0.38 -1.08
C ASP A 114 -27.65 -1.48 -0.71
N VAL A 115 -26.53 -1.13 -0.09
CA VAL A 115 -25.50 -2.13 0.30
C VAL A 115 -25.29 -2.34 1.81
N SER A 116 -25.18 -3.60 2.24
CA SER A 116 -25.04 -3.94 3.65
C SER A 116 -23.63 -4.41 3.93
N GLN A 117 -23.28 -4.50 5.21
CA GLN A 117 -21.97 -5.02 5.61
C GLN A 117 -21.76 -6.41 5.06
N ASP A 118 -22.81 -7.20 5.09
CA ASP A 118 -22.77 -8.53 4.57
C ASP A 118 -22.49 -8.57 3.08
N ASP A 119 -23.06 -7.63 2.34
CA ASP A 119 -22.72 -7.55 0.94
C ASP A 119 -21.24 -7.33 0.76
N LEU A 120 -20.62 -6.51 1.61
CA LEU A 120 -19.21 -6.18 1.34
C LEU A 120 -18.38 -7.43 1.48
N ILE A 121 -18.67 -8.20 2.52
CA ILE A 121 -17.88 -9.38 2.86
C ILE A 121 -18.05 -10.47 1.84
N ARG A 122 -19.27 -10.56 1.33
CA ARG A 122 -19.58 -11.39 0.19
C ARG A 122 -18.63 -11.09 -0.93
N ALA A 123 -18.53 -9.82 -1.31
CA ALA A 123 -17.70 -9.44 -2.44
C ALA A 123 -16.21 -9.70 -2.21
N ILE A 124 -15.71 -9.41 -1.01
CA ILE A 124 -14.27 -9.61 -0.78
C ILE A 124 -13.96 -11.11 -0.98
N LYS A 125 -14.79 -11.99 -0.40
CA LYS A 125 -14.58 -13.44 -0.62
C LYS A 125 -14.37 -13.81 -2.09
N LYS A 126 -15.11 -13.17 -3.00
CA LYS A 126 -14.86 -13.42 -4.41
C LYS A 126 -13.57 -12.76 -4.90
N LEU A 127 -13.24 -11.63 -4.30
CA LEU A 127 -12.02 -10.97 -4.73
C LEU A 127 -10.79 -11.79 -4.48
N LYS A 128 -10.80 -12.62 -3.45
CA LYS A 128 -9.70 -13.50 -3.11
C LYS A 128 -9.24 -14.37 -4.30
N ALA A 129 -10.12 -14.57 -5.26
CA ALA A 129 -9.77 -15.42 -6.37
C ALA A 129 -8.84 -14.68 -7.36
N LEU A 130 -8.63 -13.38 -7.15
CA LEU A 130 -7.75 -12.62 -8.04
C LEU A 130 -6.33 -12.88 -7.63
N GLY A 131 -6.19 -13.72 -6.61
CA GLY A 131 -4.88 -14.01 -6.05
C GLY A 131 -4.64 -13.23 -4.78
N THR A 132 -3.49 -13.46 -4.19
CA THR A 132 -3.11 -12.75 -2.99
C THR A 132 -3.46 -11.26 -3.15
N GLY A 133 -4.11 -10.69 -2.16
CA GLY A 133 -4.53 -9.31 -2.29
C GLY A 133 -5.37 -9.03 -1.07
N PHE A 134 -6.61 -9.50 -1.07
CA PHE A 134 -7.54 -9.20 -0.04
C PHE A 134 -7.64 -10.25 1.06
N GLY A 135 -8.03 -9.84 2.25
CA GLY A 135 -8.08 -10.75 3.37
C GLY A 135 -9.03 -10.15 4.40
N ILE A 136 -9.70 -11.01 5.14
CA ILE A 136 -10.69 -10.62 6.10
C ILE A 136 -10.19 -11.13 7.44
N ILE A 137 -10.19 -10.26 8.47
CA ILE A 137 -9.57 -10.59 9.75
C ILE A 137 -10.57 -10.35 10.86
N PRO A 138 -10.94 -11.41 11.59
CA PRO A 138 -11.95 -11.24 12.62
C PRO A 138 -11.32 -10.50 13.81
N VAL A 139 -12.02 -9.53 14.37
CA VAL A 139 -11.62 -8.93 15.63
C VAL A 139 -12.85 -8.87 16.49
N GLY A 140 -12.67 -8.43 17.72
CA GLY A 140 -13.77 -8.21 18.63
C GLY A 140 -15.10 -8.41 17.94
N GLY A 141 -15.84 -7.36 17.62
CA GLY A 141 -17.13 -7.65 17.06
C GLY A 141 -17.33 -7.04 15.71
N THR A 142 -16.36 -7.19 14.80
CA THR A 142 -16.44 -6.69 13.47
C THR A 142 -15.32 -7.38 12.64
N TYR A 143 -14.90 -6.83 11.49
CA TYR A 143 -13.89 -7.48 10.67
C TYR A 143 -12.94 -6.40 10.22
N LEU A 144 -11.67 -6.75 10.05
CA LEU A 144 -10.74 -5.82 9.39
C LEU A 144 -10.45 -6.31 7.99
N ILE A 145 -10.27 -5.40 7.07
CA ILE A 145 -10.02 -5.86 5.74
C ILE A 145 -8.68 -5.43 5.30
N GLN A 146 -7.94 -6.43 4.86
CA GLN A 146 -6.61 -6.22 4.39
C GLN A 146 -6.71 -6.22 2.87
N SER A 147 -6.02 -5.28 2.24
CA SER A 147 -6.12 -5.13 0.78
C SER A 147 -4.75 -5.11 0.11
N VAL A 148 -3.70 -5.19 0.91
CA VAL A 148 -2.38 -5.39 0.36
C VAL A 148 -1.80 -6.63 1.00
N PRO A 149 -1.03 -7.40 0.22
CA PRO A 149 -0.39 -8.62 0.72
C PRO A 149 0.38 -8.42 2.02
N ALA A 150 0.37 -9.46 2.85
CA ALA A 150 1.35 -9.60 3.91
C ALA A 150 1.40 -11.11 4.16
N GLU A 151 2.26 -11.52 5.10
CA GLU A 151 2.54 -12.96 5.31
C GLU A 151 1.61 -13.59 6.34
N LEU A 152 1.79 -14.89 6.48
CA LEU A 152 1.00 -15.72 7.39
C LEU A 152 1.03 -15.33 8.87
N ASN A 153 2.09 -14.68 9.37
CA ASN A 153 2.27 -14.54 10.83
C ASN A 153 0.94 -14.61 11.67
N MET A 154 0.55 -15.78 12.19
CA MET A 154 -0.63 -15.78 13.06
C MET A 154 -0.43 -14.76 14.20
N ASP A 155 0.83 -14.55 14.54
CA ASP A 155 1.24 -13.52 15.47
C ASP A 155 0.79 -12.10 15.06
N HIS A 156 0.65 -11.87 13.77
CA HIS A 156 0.22 -10.58 13.27
C HIS A 156 -1.31 -10.41 13.42
N THR A 157 -2.04 -11.48 13.24
CA THR A 157 -3.47 -11.44 13.43
C THR A 157 -3.73 -11.15 14.88
N VAL A 158 -3.13 -11.93 15.76
CA VAL A 158 -3.43 -11.82 17.18
C VAL A 158 -3.19 -10.41 17.71
N VAL A 159 -2.18 -9.71 17.21
CA VAL A 159 -1.90 -8.35 17.67
C VAL A 159 -2.94 -7.40 17.12
N LEU A 160 -3.15 -7.45 15.80
CA LEU A 160 -4.32 -6.74 15.27
C LEU A 160 -5.53 -6.86 16.21
N GLN A 161 -5.79 -8.06 16.75
CA GLN A 161 -7.02 -8.27 17.47
C GLN A 161 -6.90 -7.57 18.81
N LEU A 162 -5.69 -7.48 19.30
CA LEU A 162 -5.48 -6.86 20.59
C LEU A 162 -5.54 -5.32 20.43
N ALA A 163 -5.02 -4.83 19.28
CA ALA A 163 -4.96 -3.44 18.96
C ALA A 163 -6.36 -2.87 18.94
N GLU A 164 -7.28 -3.72 18.52
CA GLU A 164 -8.61 -3.27 18.16
C GLU A 164 -9.34 -2.62 19.28
N LYS A 165 -8.96 -2.92 20.52
CA LYS A 165 -9.74 -2.36 21.60
C LYS A 165 -9.41 -0.91 21.95
N ASN A 166 -8.27 -0.40 21.55
CA ASN A 166 -7.94 0.96 21.90
C ASN A 166 -7.39 1.75 20.72
N GLY A 167 -7.34 1.12 19.56
CA GLY A 167 -6.60 1.65 18.42
C GLY A 167 -5.10 1.61 18.54
N TYR A 168 -4.56 1.29 19.69
CA TYR A 168 -3.07 1.16 19.76
C TYR A 168 -2.69 -0.17 20.47
N VAL A 169 -1.40 -0.42 20.57
CA VAL A 169 -0.91 -1.56 21.29
C VAL A 169 0.41 -1.15 22.00
N THR A 170 0.84 -1.92 22.98
CA THR A 170 2.01 -1.54 23.79
C THR A 170 2.70 -2.85 24.14
N VAL A 171 4.03 -2.90 24.00
CA VAL A 171 4.83 -4.07 24.45
C VAL A 171 4.35 -4.64 25.81
N SER A 172 4.32 -3.82 26.86
CA SER A 172 3.86 -4.34 28.16
C SER A 172 2.50 -4.98 28.07
N GLU A 173 1.67 -4.46 27.19
CA GLU A 173 0.31 -4.96 27.07
C GLU A 173 0.29 -6.25 26.28
N ILE A 174 1.11 -6.30 25.23
CA ILE A 174 1.30 -7.52 24.44
C ILE A 174 1.72 -8.66 25.34
N LYS A 175 2.75 -8.44 26.16
CA LYS A 175 3.31 -9.50 26.97
C LYS A 175 2.29 -10.02 27.99
N ALA A 176 1.58 -9.13 28.64
CA ALA A 176 0.64 -9.54 29.68
C ALA A 176 -0.59 -10.21 29.13
N SER A 177 -1.13 -9.70 28.03
CA SER A 177 -2.39 -10.24 27.53
C SER A 177 -2.15 -11.53 26.78
N LEU A 178 -1.03 -11.62 26.05
CA LEU A 178 -0.78 -12.77 25.20
C LEU A 178 0.22 -13.74 25.80
N LYS A 179 0.75 -13.36 26.96
CA LYS A 179 1.80 -14.12 27.62
C LYS A 179 2.96 -14.49 26.65
N TRP A 180 3.55 -13.45 26.06
CA TRP A 180 4.57 -13.58 25.04
C TRP A 180 5.90 -13.07 25.55
N GLU A 181 6.97 -13.59 24.97
CA GLU A 181 8.30 -13.07 25.23
C GLU A 181 8.53 -11.72 24.55
N THR A 182 9.33 -10.88 25.20
CA THR A 182 9.52 -9.50 24.81
C THR A 182 9.99 -9.35 23.36
N GLU A 183 10.89 -10.23 22.92
CA GLU A 183 11.45 -10.10 21.58
C GLU A 183 10.36 -10.38 20.56
N ARG A 184 9.48 -11.31 20.91
CA ARG A 184 8.41 -11.71 20.06
C ARG A 184 7.38 -10.58 19.86
N ALA A 185 7.13 -9.80 20.90
CA ALA A 185 6.22 -8.70 20.81
C ALA A 185 6.83 -7.59 19.94
N ARG A 186 8.08 -7.30 20.27
CA ARG A 186 8.82 -6.23 19.62
C ARG A 186 8.96 -6.54 18.11
N GLN A 187 9.21 -7.80 17.77
CA GLN A 187 9.28 -8.27 16.38
C GLN A 187 8.02 -8.02 15.55
N VAL A 188 6.85 -8.37 16.07
CA VAL A 188 5.61 -8.06 15.39
C VAL A 188 5.42 -6.53 15.27
N LEU A 189 5.69 -5.78 16.34
CA LEU A 189 5.71 -4.31 16.29
C LEU A 189 6.55 -3.86 15.10
N GLU A 190 7.79 -4.35 15.04
CA GLU A 190 8.63 -4.02 13.90
C GLU A 190 7.88 -4.26 12.59
N HIS A 191 7.11 -5.34 12.49
CA HIS A 191 6.48 -5.57 11.20
C HIS A 191 5.39 -4.53 10.85
N LEU A 192 4.57 -4.21 11.85
CA LEU A 192 3.59 -3.19 11.78
C LEU A 192 4.21 -1.83 11.32
N LEU A 193 5.28 -1.36 11.97
CA LEU A 193 6.04 -0.25 11.40
C LEU A 193 6.51 -0.49 9.97
N LYS A 194 7.22 -1.60 9.68
CA LYS A 194 7.75 -1.77 8.29
C LYS A 194 6.65 -1.77 7.26
N GLU A 195 5.44 -2.17 7.63
CA GLU A 195 4.43 -2.18 6.60
C GLU A 195 3.61 -0.88 6.44
N GLY A 196 3.80 0.08 7.35
CA GLY A 196 2.97 1.25 7.41
C GLY A 196 1.66 1.06 8.14
N LEU A 197 1.51 0.03 8.98
CA LEU A 197 0.22 -0.17 9.56
C LEU A 197 0.19 0.43 10.91
N ALA A 198 1.36 0.74 11.43
CA ALA A 198 1.42 1.36 12.76
C ALA A 198 2.37 2.53 12.69
N TRP A 199 2.18 3.51 13.57
CA TRP A 199 3.16 4.63 13.71
C TRP A 199 3.49 4.64 15.20
N LEU A 200 4.70 5.08 15.50
CA LEU A 200 5.23 5.03 16.88
C LEU A 200 4.87 6.32 17.55
N ASP A 201 4.71 6.27 18.87
CA ASP A 201 4.35 7.45 19.66
C ASP A 201 5.16 7.45 20.94
N LEU A 202 6.14 8.34 21.00
CA LEU A 202 7.06 8.42 22.15
C LEU A 202 6.65 9.44 23.21
N GLN A 203 5.38 9.86 23.21
CA GLN A 203 4.88 10.86 24.17
C GLN A 203 3.64 10.32 24.88
N ALA A 204 3.61 9.01 25.07
CA ALA A 204 2.42 8.37 25.58
C ALA A 204 2.68 8.03 27.01
N PRO A 205 1.62 8.00 27.85
CA PRO A 205 1.81 7.68 29.25
C PRO A 205 2.36 6.28 29.37
N GLY A 206 3.33 6.07 30.25
CA GLY A 206 3.76 4.73 30.60
C GLY A 206 4.94 4.21 29.80
N GLU A 207 4.94 4.44 28.47
CA GLU A 207 5.86 3.75 27.54
C GLU A 207 5.34 3.90 26.11
N ALA A 208 6.20 3.64 25.12
CA ALA A 208 5.85 3.83 23.70
C ALA A 208 4.56 3.07 23.34
N HIS A 209 3.70 3.72 22.55
CA HIS A 209 2.44 3.13 22.06
C HIS A 209 2.63 3.01 20.56
N TYR A 210 1.92 2.05 19.94
CA TYR A 210 1.98 1.83 18.50
C TYR A 210 0.56 1.94 18.02
N TRP A 211 0.25 3.03 17.33
CA TRP A 211 -1.11 3.35 16.91
C TRP A 211 -1.33 2.97 15.45
N LEU A 212 -2.47 2.33 15.18
CA LEU A 212 -2.83 2.01 13.80
C LEU A 212 -3.88 2.94 13.20
N PRO A 213 -3.46 3.80 12.26
CA PRO A 213 -4.37 4.67 11.48
C PRO A 213 -5.61 3.95 10.96
N ALA A 214 -5.53 2.65 10.65
CA ALA A 214 -6.76 1.93 10.22
C ALA A 214 -7.91 2.02 11.22
N LEU A 215 -7.56 1.94 12.49
CA LEU A 215 -8.50 2.15 13.59
C LEU A 215 -8.41 3.64 13.66
N PHE A 216 -8.77 4.28 14.76
CA PHE A 216 -8.66 5.75 14.78
C PHE A 216 -9.64 6.47 13.86
N THR A 217 -10.72 6.92 14.49
CA THR A 217 -11.82 7.56 13.76
C THR A 217 -11.53 9.02 13.35
N ASP A 218 -11.57 9.22 12.05
CA ASP A 218 -11.69 10.55 11.47
C ASP A 218 -12.66 10.33 10.32
N LEU A 219 -13.73 11.14 10.27
CA LEU A 219 -14.75 10.96 9.24
C LEU A 219 -14.66 12.04 8.16
N TYR A 220 -13.54 12.09 7.42
CA TYR A 220 -13.37 13.17 6.44
C TYR A 220 -12.54 12.96 5.14
N SER A 221 -13.04 13.61 4.08
CA SER A 221 -12.38 13.91 2.79
C SER A 221 -12.23 12.83 1.69
N GLN A 222 -11.11 12.10 1.69
CA GLN A 222 -10.79 11.04 0.70
C GLN A 222 -10.51 11.46 -0.76
N GLU A 223 -10.34 12.77 -1.00
CA GLU A 223 -9.98 13.24 -2.35
C GLU A 223 -8.51 13.65 -2.51
N ILE A 224 -8.09 13.84 -3.77
CA ILE A 224 -6.67 13.88 -4.24
C ILE A 224 -6.17 12.46 -4.61
N THR A 225 -6.56 11.47 -3.80
CA THR A 225 -6.18 10.07 -4.04
C THR A 225 -7.23 9.27 -4.83
N ALA A 226 -8.19 9.99 -5.40
CA ALA A 226 -9.23 9.38 -6.23
C ALA A 226 -8.68 8.87 -7.57
N GLU A 227 -7.43 9.22 -7.88
CA GLU A 227 -6.76 8.83 -9.14
C GLU A 227 -6.19 7.40 -9.17
N GLU A 228 -6.71 6.53 -8.28
CA GLU A 228 -6.23 5.14 -8.05
C GLU A 228 -4.86 5.11 -7.40
N LYS B 4 -47.33 -9.45 1.52
CA LYS B 4 -48.02 -8.91 0.30
C LYS B 4 -47.61 -9.67 -0.97
N ASN B 5 -46.31 -9.76 -1.20
CA ASN B 5 -45.79 -10.54 -2.33
C ASN B 5 -44.44 -11.19 -1.98
N ILE B 6 -44.00 -11.00 -0.74
CA ILE B 6 -42.78 -11.63 -0.23
C ILE B 6 -43.01 -13.11 0.13
N SER B 7 -44.26 -13.45 0.45
CA SER B 7 -44.66 -14.80 0.83
C SER B 7 -44.85 -15.70 -0.40
N GLU B 8 -45.02 -15.05 -1.54
CA GLU B 8 -44.94 -15.70 -2.85
C GLU B 8 -43.50 -16.16 -3.08
N ALA B 9 -42.56 -15.42 -2.51
CA ALA B 9 -41.14 -15.74 -2.65
C ALA B 9 -40.72 -16.81 -1.65
N PHE B 10 -40.67 -16.45 -0.37
CA PHE B 10 -40.16 -17.31 0.70
C PHE B 10 -40.51 -18.78 0.55
N GLU B 11 -41.69 -19.04 -0.01
CA GLU B 11 -42.12 -20.41 -0.25
C GLU B 11 -41.65 -20.91 -1.60
N ASP B 12 -42.08 -20.26 -2.68
CA ASP B 12 -41.77 -20.72 -4.04
C ASP B 12 -40.27 -20.71 -4.31
N LEU B 13 -39.54 -20.03 -3.43
CA LEU B 13 -38.07 -20.05 -3.39
C LEU B 13 -37.58 -21.36 -2.79
N SER B 14 -38.22 -21.79 -1.70
CA SER B 14 -37.86 -23.04 -1.03
C SER B 14 -38.08 -24.22 -1.97
N LYS B 15 -39.06 -24.07 -2.88
CA LYS B 15 -39.38 -25.08 -3.89
C LYS B 15 -38.39 -25.05 -5.05
N LEU B 16 -38.06 -23.83 -5.50
CA LEU B 16 -37.09 -23.60 -6.56
C LEU B 16 -35.82 -24.44 -6.36
N MET B 17 -35.37 -24.51 -5.11
CA MET B 17 -34.15 -25.23 -4.74
C MET B 17 -34.23 -26.72 -5.07
N ILE B 18 -35.38 -27.33 -4.78
CA ILE B 18 -35.61 -28.73 -5.12
C ILE B 18 -35.34 -28.94 -6.61
N LYS B 19 -35.94 -28.09 -7.45
CA LYS B 19 -35.77 -28.15 -8.91
C LYS B 19 -34.30 -28.16 -9.33
N ALA B 20 -33.50 -27.27 -8.72
CA ALA B 20 -32.07 -27.20 -8.98
C ALA B 20 -31.37 -28.46 -8.47
N LYS B 21 -31.72 -28.85 -7.25
CA LYS B 21 -31.10 -29.97 -6.55
C LYS B 21 -31.06 -31.22 -7.43
N GLU B 22 -32.06 -31.36 -8.31
CA GLU B 22 -32.15 -32.51 -9.20
C GLU B 22 -31.02 -32.49 -10.22
N MET B 23 -30.83 -31.33 -10.84
CA MET B 23 -29.68 -31.11 -11.72
C MET B 23 -28.36 -31.29 -10.99
N VAL B 24 -28.38 -31.08 -9.67
CA VAL B 24 -27.18 -31.29 -8.84
C VAL B 24 -26.96 -32.78 -8.56
N GLU B 25 -27.83 -33.37 -7.74
CA GLU B 25 -27.74 -34.78 -7.37
C GLU B 25 -27.40 -35.67 -8.57
N LEU B 26 -28.23 -35.60 -9.60
CA LEU B 26 -28.03 -36.40 -10.81
C LEU B 26 -27.16 -35.67 -11.83
N SER B 27 -25.92 -35.44 -11.43
CA SER B 27 -24.87 -34.87 -12.30
C SER B 27 -23.51 -35.18 -11.69
N LYS B 28 -23.53 -35.53 -10.39
CA LYS B 28 -22.36 -36.01 -9.67
C LYS B 28 -22.14 -37.49 -9.96
N SER B 29 -23.23 -38.19 -10.29
CA SER B 29 -23.18 -39.57 -10.74
C SER B 29 -22.62 -39.63 -12.17
N ILE B 30 -22.82 -38.54 -12.91
CA ILE B 30 -22.37 -38.42 -14.28
C ILE B 30 -20.83 -38.29 -14.37
N ALA B 31 -20.16 -38.33 -13.21
CA ALA B 31 -18.72 -38.13 -13.11
C ALA B 31 -17.86 -39.35 -13.45
N ASN B 32 -18.41 -40.54 -13.25
CA ASN B 32 -17.61 -41.77 -13.32
C ASN B 32 -17.76 -42.59 -14.61
N LYS B 33 -16.69 -42.64 -15.39
CA LYS B 33 -16.55 -43.59 -16.51
C LYS B 33 -15.07 -43.77 -16.88
N ASP B 44 -16.86 -32.41 -29.36
CA ASP B 44 -17.25 -32.24 -27.97
C ASP B 44 -17.61 -33.56 -27.30
N GLU B 45 -16.91 -33.87 -26.20
CA GLU B 45 -17.20 -35.07 -25.40
C GLU B 45 -18.02 -34.68 -24.18
N THR B 46 -17.36 -34.03 -23.22
CA THR B 46 -18.03 -33.49 -22.04
C THR B 46 -17.86 -31.97 -22.02
N ILE B 47 -17.63 -31.39 -23.19
CA ILE B 47 -17.58 -29.94 -23.37
C ILE B 47 -18.93 -29.34 -23.02
N ARG B 48 -19.99 -29.95 -23.56
CA ARG B 48 -21.37 -29.53 -23.32
C ARG B 48 -21.72 -29.64 -21.82
N PHE B 49 -21.04 -30.55 -21.12
CA PHE B 49 -21.20 -30.76 -19.68
C PHE B 49 -20.65 -29.60 -18.84
N LYS B 50 -19.62 -28.94 -19.36
CA LYS B 50 -19.00 -27.79 -18.68
C LYS B 50 -19.87 -26.55 -18.84
N SER B 51 -20.41 -26.37 -20.05
CA SER B 51 -21.39 -25.34 -20.35
C SER B 51 -22.66 -25.64 -19.57
N TYR B 52 -22.94 -26.93 -19.40
CA TYR B 52 -24.04 -27.40 -18.57
C TYR B 52 -23.76 -27.04 -17.11
N LEU B 53 -22.51 -27.21 -16.69
CA LEU B 53 -22.12 -26.92 -15.31
C LEU B 53 -22.02 -25.42 -14.98
N LEU B 54 -21.43 -24.66 -15.89
CA LEU B 54 -21.16 -23.24 -15.67
C LEU B 54 -22.46 -22.43 -15.50
N SER B 55 -23.49 -22.83 -16.25
CA SER B 55 -24.80 -22.18 -16.19
C SER B 55 -25.47 -22.38 -14.83
N MET B 56 -25.24 -23.54 -14.22
CA MET B 56 -25.76 -23.83 -12.88
C MET B 56 -24.94 -23.09 -11.86
N GLY B 57 -23.62 -23.26 -11.93
CA GLY B 57 -22.73 -22.74 -10.91
C GLY B 57 -22.24 -23.86 -10.02
N ILE B 58 -22.43 -25.10 -10.46
CA ILE B 58 -21.86 -26.24 -9.78
C ILE B 58 -20.46 -26.44 -10.32
N ALA B 59 -19.48 -25.97 -9.58
CA ALA B 59 -18.09 -26.20 -9.93
C ALA B 59 -17.74 -27.65 -9.62
N ASN B 60 -16.85 -28.23 -10.40
CA ASN B 60 -16.34 -29.56 -10.11
C ASN B 60 -14.90 -29.79 -10.58
N PRO B 61 -13.92 -29.11 -9.93
CA PRO B 61 -12.52 -29.03 -10.39
C PRO B 61 -11.83 -30.39 -10.56
N VAL B 62 -12.02 -31.28 -9.57
CA VAL B 62 -11.40 -32.61 -9.58
C VAL B 62 -12.10 -33.60 -10.53
N THR B 63 -13.00 -33.10 -11.37
CA THR B 63 -13.60 -33.90 -12.46
C THR B 63 -13.62 -33.08 -13.74
N ARG B 64 -14.05 -31.83 -13.63
CA ARG B 64 -14.03 -30.87 -14.73
C ARG B 64 -12.61 -30.75 -15.30
N GLU B 65 -11.65 -30.39 -14.44
CA GLU B 65 -10.28 -30.15 -14.87
C GLU B 65 -9.44 -31.43 -14.93
N THR B 66 -10.10 -32.57 -14.72
CA THR B 66 -9.51 -33.89 -14.99
C THR B 66 -9.67 -34.17 -16.49
N TYR B 67 -10.87 -33.92 -17.00
CA TYR B 67 -11.18 -34.05 -18.42
C TYR B 67 -12.05 -32.90 -18.91
N GLY B 68 -11.47 -32.03 -19.73
CA GLY B 68 -12.19 -30.93 -20.35
C GLY B 68 -11.87 -29.52 -19.85
N SER B 69 -10.75 -29.38 -19.12
CA SER B 69 -10.15 -28.08 -18.74
C SER B 69 -11.08 -26.96 -18.17
N GLY B 70 -11.53 -26.06 -19.05
CA GLY B 70 -12.47 -24.98 -18.70
C GLY B 70 -13.61 -24.89 -19.72
N THR B 71 -14.05 -23.68 -20.02
CA THR B 71 -15.20 -23.47 -20.90
C THR B 71 -14.81 -22.73 -22.16
N GLN B 72 -15.62 -22.89 -23.21
CA GLN B 72 -15.43 -22.18 -24.48
C GLN B 72 -15.90 -20.74 -24.38
N TYR B 73 -16.80 -20.47 -23.43
CA TYR B 73 -17.15 -19.09 -23.11
C TYR B 73 -15.90 -18.32 -22.66
N HIS B 74 -15.23 -18.88 -21.66
CA HIS B 74 -13.93 -18.40 -21.19
C HIS B 74 -12.98 -18.17 -22.36
N MET B 75 -12.95 -19.12 -23.29
CA MET B 75 -12.14 -19.01 -24.48
C MET B 75 -12.54 -17.78 -25.30
N GLN B 76 -13.82 -17.63 -25.60
CA GLN B 76 -14.30 -16.49 -26.40
C GLN B 76 -13.89 -15.20 -25.74
N LEU B 77 -13.79 -15.26 -24.43
CA LEU B 77 -13.51 -14.10 -23.60
C LEU B 77 -12.02 -13.78 -23.56
N ALA B 78 -11.17 -14.81 -23.66
CA ALA B 78 -9.74 -14.62 -23.57
C ALA B 78 -9.25 -13.73 -24.71
N LYS B 79 -9.85 -13.89 -25.88
CA LYS B 79 -9.50 -13.11 -27.06
C LYS B 79 -10.06 -11.71 -26.96
N GLN B 80 -11.20 -11.58 -26.30
CA GLN B 80 -11.78 -10.28 -25.99
C GLN B 80 -10.69 -9.42 -25.33
N LEU B 81 -10.12 -9.98 -24.26
CA LEU B 81 -9.20 -9.26 -23.39
C LEU B 81 -7.86 -8.95 -24.06
N ALA B 82 -7.41 -9.81 -24.96
CA ALA B 82 -6.16 -9.55 -25.67
C ALA B 82 -6.24 -8.19 -26.34
N GLY B 83 -7.35 -7.93 -27.03
CA GLY B 83 -7.61 -6.63 -27.64
C GLY B 83 -7.78 -5.51 -26.62
N ILE B 84 -8.58 -5.78 -25.58
CA ILE B 84 -8.94 -4.79 -24.56
C ILE B 84 -7.69 -4.19 -23.89
N LEU B 85 -6.73 -5.05 -23.55
CA LEU B 85 -5.65 -4.75 -22.61
C LEU B 85 -4.34 -4.34 -23.28
N GLN B 86 -4.25 -4.58 -24.58
CA GLN B 86 -2.98 -4.41 -25.30
C GLN B 86 -2.36 -3.03 -24.99
N VAL B 87 -3.09 -1.95 -25.27
CA VAL B 87 -2.59 -0.59 -24.98
C VAL B 87 -2.50 -0.26 -23.49
N PRO B 88 -3.58 -0.50 -22.74
CA PRO B 88 -3.39 -0.26 -21.29
C PRO B 88 -2.11 -0.91 -20.73
N LEU B 89 -1.78 -2.13 -21.21
CA LEU B 89 -0.56 -2.80 -20.75
C LEU B 89 0.66 -2.00 -21.14
N GLU B 90 0.72 -1.60 -22.41
CA GLU B 90 1.82 -0.80 -22.89
C GLU B 90 1.99 0.41 -21.99
N GLU B 91 0.89 1.02 -21.58
CA GLU B 91 0.97 2.27 -20.85
C GLU B 91 1.54 2.04 -19.48
N ARG B 92 1.47 0.80 -19.01
CA ARG B 92 1.82 0.50 -17.64
C ARG B 92 3.06 -0.35 -17.57
N GLY B 93 3.80 -0.36 -18.66
CA GLY B 93 5.07 -1.05 -18.68
C GLY B 93 4.99 -2.52 -18.95
N GLY B 94 3.89 -2.95 -19.57
CA GLY B 94 3.74 -4.31 -20.06
C GLY B 94 3.38 -5.31 -18.99
N ILE B 95 2.82 -4.87 -17.87
CA ILE B 95 2.48 -5.78 -16.78
C ILE B 95 1.44 -5.11 -15.91
N MET B 96 0.42 -5.88 -15.50
CA MET B 96 -0.60 -5.45 -14.55
C MET B 96 -0.95 -6.58 -13.58
N SER B 97 -1.20 -6.27 -12.30
CA SER B 97 -1.71 -7.27 -11.44
C SER B 97 -3.13 -7.63 -11.91
N LEU B 98 -3.63 -8.84 -11.63
CA LEU B 98 -5.02 -9.14 -11.96
C LEU B 98 -6.08 -8.18 -11.34
N THR B 99 -5.82 -7.68 -10.16
CA THR B 99 -6.84 -6.84 -9.58
C THR B 99 -6.94 -5.46 -10.27
N GLU B 100 -5.81 -4.90 -10.68
CA GLU B 100 -5.87 -3.74 -11.57
C GLU B 100 -6.56 -4.08 -12.85
N VAL B 101 -6.40 -5.31 -13.35
CA VAL B 101 -7.06 -5.69 -14.61
C VAL B 101 -8.57 -5.84 -14.42
N TYR B 102 -8.96 -6.52 -13.36
CA TYR B 102 -10.35 -6.71 -13.07
C TYR B 102 -11.07 -5.35 -12.99
N CYS B 103 -10.46 -4.33 -12.39
CA CYS B 103 -11.01 -2.97 -12.44
C CYS B 103 -11.01 -2.37 -13.83
N LEU B 104 -9.90 -2.49 -14.55
CA LEU B 104 -9.85 -1.81 -15.83
C LEU B 104 -11.06 -2.25 -16.69
N VAL B 105 -11.44 -3.52 -16.56
CA VAL B 105 -12.39 -4.19 -17.45
C VAL B 105 -13.88 -3.99 -17.04
N ASN B 106 -14.21 -4.19 -15.78
CA ASN B 106 -15.60 -4.04 -15.37
C ASN B 106 -16.04 -2.58 -15.24
N ARG B 107 -15.09 -1.69 -15.00
CA ARG B 107 -15.39 -0.27 -14.91
C ARG B 107 -15.79 0.31 -16.29
N ALA B 108 -15.18 -0.22 -17.35
CA ALA B 108 -15.48 0.20 -18.73
C ALA B 108 -16.66 -0.56 -19.36
N ARG B 109 -17.67 -0.85 -18.53
CA ARG B 109 -18.86 -1.59 -18.94
C ARG B 109 -20.10 -1.11 -18.21
N GLY B 110 -21.22 -1.00 -18.93
CA GLY B 110 -22.51 -0.75 -18.27
C GLY B 110 -22.84 -1.97 -17.43
N MET B 111 -23.56 -2.91 -18.05
CA MET B 111 -23.82 -4.22 -17.43
C MET B 111 -23.07 -5.38 -18.12
N GLU B 112 -23.55 -6.60 -17.84
CA GLU B 112 -22.86 -7.86 -18.14
C GLU B 112 -21.37 -7.84 -17.77
N LEU B 113 -21.10 -7.70 -16.47
CA LEU B 113 -19.71 -7.60 -15.99
C LEU B 113 -19.06 -8.98 -15.84
N LEU B 114 -17.86 -9.03 -15.25
CA LEU B 114 -17.06 -10.25 -15.15
C LEU B 114 -16.88 -10.65 -13.71
N SER B 115 -17.10 -11.91 -13.39
CA SER B 115 -16.73 -12.40 -12.06
C SER B 115 -15.20 -12.58 -11.99
N PRO B 116 -14.63 -12.44 -10.80
CA PRO B 116 -13.25 -12.81 -10.60
C PRO B 116 -12.87 -14.20 -11.17
N GLU B 117 -13.67 -15.24 -10.93
CA GLU B 117 -13.40 -16.56 -11.57
C GLU B 117 -13.35 -16.48 -13.09
N ASP B 118 -14.29 -15.71 -13.67
CA ASP B 118 -14.37 -15.57 -15.12
C ASP B 118 -13.05 -15.11 -15.66
N LEU B 119 -12.69 -13.90 -15.24
CA LEU B 119 -11.51 -13.23 -15.70
C LEU B 119 -10.31 -14.13 -15.46
N VAL B 120 -10.28 -14.79 -14.31
CA VAL B 120 -9.20 -15.72 -13.99
C VAL B 120 -9.14 -16.89 -14.94
N ASN B 121 -10.30 -17.52 -15.19
CA ASN B 121 -10.35 -18.68 -16.08
C ASN B 121 -10.03 -18.31 -17.49
N ALA B 122 -10.62 -17.23 -18.01
CA ALA B 122 -10.21 -16.77 -19.36
C ALA B 122 -8.70 -16.66 -19.41
N CYS B 123 -8.14 -15.96 -18.43
CA CYS B 123 -6.69 -15.72 -18.37
C CYS B 123 -5.87 -17.00 -18.39
N LYS B 124 -6.38 -18.02 -17.70
CA LYS B 124 -5.74 -19.32 -17.57
C LYS B 124 -5.39 -20.04 -18.88
N MET B 125 -6.07 -19.70 -19.97
CA MET B 125 -5.84 -20.36 -21.26
C MET B 125 -5.27 -19.43 -22.34
N LEU B 126 -4.98 -18.20 -21.95
CA LEU B 126 -4.41 -17.20 -22.85
C LEU B 126 -3.20 -17.79 -23.56
N GLU B 127 -2.50 -18.67 -22.86
CA GLU B 127 -1.25 -19.24 -23.34
C GLU B 127 -1.51 -20.27 -24.42
N ALA B 128 -2.28 -21.29 -24.09
CA ALA B 128 -2.64 -22.35 -25.03
C ALA B 128 -3.27 -21.75 -26.29
N LEU B 129 -3.86 -20.58 -26.14
CA LEU B 129 -4.47 -19.87 -27.26
C LEU B 129 -3.50 -19.05 -28.10
N LYS B 130 -2.21 -19.05 -27.72
CA LYS B 130 -1.13 -18.32 -28.42
C LYS B 130 -1.32 -16.78 -28.55
N LEU B 131 -2.28 -16.24 -27.83
CA LEU B 131 -2.45 -14.79 -27.79
C LEU B 131 -1.29 -14.10 -27.07
N PRO B 132 -1.01 -12.84 -27.44
CA PRO B 132 0.17 -12.12 -26.95
C PRO B 132 0.27 -11.88 -25.43
N LEU B 133 -0.84 -11.82 -24.69
CA LEU B 133 -0.79 -11.67 -23.23
C LEU B 133 -0.62 -13.03 -22.57
N ARG B 134 -0.37 -13.04 -21.27
CA ARG B 134 0.11 -14.23 -20.59
C ARG B 134 -0.09 -13.96 -19.09
N LEU B 135 -0.78 -14.88 -18.40
CA LEU B 135 -0.96 -14.81 -16.96
C LEU B 135 0.23 -15.43 -16.24
N ARG B 136 0.87 -14.69 -15.34
CA ARG B 136 1.88 -15.28 -14.46
C ARG B 136 1.42 -15.19 -13.02
N VAL B 137 2.01 -16.07 -12.21
CA VAL B 137 1.76 -16.14 -10.81
C VAL B 137 3.10 -16.01 -10.13
N PHE B 138 3.26 -15.04 -9.23
CA PHE B 138 4.51 -14.93 -8.49
C PHE B 138 4.43 -15.86 -7.32
N ASP B 139 5.57 -16.19 -6.73
CA ASP B 139 5.64 -16.99 -5.49
C ASP B 139 4.94 -16.31 -4.28
N SER B 140 4.74 -14.99 -4.32
CA SER B 140 3.85 -14.35 -3.33
C SER B 140 2.40 -14.85 -3.48
N GLY B 141 2.05 -15.37 -4.65
CA GLY B 141 0.68 -15.77 -4.90
C GLY B 141 -0.06 -14.70 -5.68
N VAL B 142 0.67 -13.64 -6.02
CA VAL B 142 0.10 -12.53 -6.74
C VAL B 142 0.04 -12.84 -8.21
N MET B 143 -1.15 -12.76 -8.77
CA MET B 143 -1.37 -13.04 -10.19
C MET B 143 -1.23 -11.80 -11.02
N VAL B 144 -0.74 -11.95 -12.22
CA VAL B 144 -0.42 -10.78 -12.97
C VAL B 144 -0.62 -11.11 -14.46
N ILE B 145 -0.70 -10.09 -15.28
CA ILE B 145 -0.79 -10.33 -16.70
C ILE B 145 0.28 -9.53 -17.37
N GLU B 146 0.94 -10.12 -18.37
CA GLU B 146 2.01 -9.43 -19.10
C GLU B 146 1.95 -9.69 -20.57
N LEU B 147 2.56 -8.78 -21.31
CA LEU B 147 2.61 -8.85 -22.75
C LEU B 147 3.66 -9.86 -23.14
N GLN B 148 3.51 -10.37 -24.36
CA GLN B 148 4.41 -11.34 -24.94
C GLN B 148 5.84 -10.86 -24.79
N SER B 149 6.06 -9.57 -25.09
CA SER B 149 7.37 -8.93 -25.05
C SER B 149 7.92 -8.52 -23.65
N HIS B 150 7.23 -8.87 -22.55
CA HIS B 150 7.72 -8.45 -21.24
C HIS B 150 8.25 -9.61 -20.39
N LYS B 151 9.46 -9.46 -19.83
CA LYS B 151 9.97 -10.43 -18.86
C LYS B 151 10.60 -9.62 -17.72
N GLU B 152 10.07 -9.80 -16.51
CA GLU B 152 10.67 -9.24 -15.33
C GLU B 152 12.17 -9.55 -15.26
N GLU B 153 12.59 -10.74 -15.74
CA GLU B 153 14.00 -11.14 -15.62
C GLU B 153 14.87 -10.14 -16.33
N GLU B 154 14.39 -9.66 -17.46
CA GLU B 154 15.10 -8.71 -18.30
C GLU B 154 15.03 -7.28 -17.76
N MET B 155 14.22 -7.06 -16.71
CA MET B 155 14.06 -5.73 -16.14
C MET B 155 15.00 -5.50 -14.97
N VAL B 156 15.59 -6.59 -14.54
CA VAL B 156 16.43 -6.64 -13.36
C VAL B 156 17.71 -5.82 -13.51
N ALA B 157 18.27 -5.71 -14.70
CA ALA B 157 19.44 -4.85 -14.93
C ALA B 157 19.10 -3.42 -14.53
N SER B 158 18.08 -2.86 -15.16
CA SER B 158 17.69 -1.48 -14.88
C SER B 158 17.30 -1.33 -13.40
N ALA B 159 16.71 -2.33 -12.79
CA ALA B 159 16.44 -2.08 -11.38
C ALA B 159 17.77 -1.86 -10.64
N LEU B 160 18.82 -2.59 -11.00
CA LEU B 160 20.04 -2.52 -10.22
C LEU B 160 20.69 -1.17 -10.47
N GLU B 161 20.68 -0.73 -11.73
CA GLU B 161 21.02 0.63 -12.10
C GLU B 161 20.30 1.71 -11.26
N THR B 162 19.03 1.49 -10.90
CA THR B 162 18.30 2.52 -10.22
C THR B 162 18.79 2.57 -8.76
N VAL B 163 18.82 1.41 -8.12
CA VAL B 163 19.37 1.28 -6.81
C VAL B 163 20.78 1.88 -6.71
N SER B 164 21.69 1.63 -7.67
CA SER B 164 23.03 2.18 -7.52
C SER B 164 23.09 3.69 -7.64
N GLU B 165 22.27 4.26 -8.51
CA GLU B 165 22.28 5.70 -8.64
C GLU B 165 21.81 6.32 -7.30
N LYS B 166 21.01 5.62 -6.49
CA LYS B 166 20.48 6.20 -5.25
C LYS B 166 21.15 5.69 -3.99
N GLY B 167 22.23 4.93 -4.12
CA GLY B 167 22.84 4.33 -2.95
C GLY B 167 22.05 3.08 -2.58
N SER B 168 20.84 3.24 -2.07
CA SER B 168 20.00 2.09 -1.71
C SER B 168 18.55 2.55 -1.65
N LEU B 169 17.59 1.64 -1.67
CA LEU B 169 16.22 2.08 -1.54
C LEU B 169 15.14 1.02 -1.17
N THR B 170 14.07 1.48 -0.51
CA THR B 170 12.96 0.61 -0.17
C THR B 170 12.09 0.38 -1.40
N SER B 171 11.13 -0.52 -1.28
CA SER B 171 10.22 -0.86 -2.38
C SER B 171 9.43 0.38 -2.78
N GLU B 172 8.88 1.06 -1.78
CA GLU B 172 8.13 2.30 -1.97
C GLU B 172 8.95 3.35 -2.71
N GLU B 173 10.14 3.66 -2.21
CA GLU B 173 10.94 4.65 -2.86
C GLU B 173 11.14 4.32 -4.31
N PHE B 174 11.45 3.08 -4.59
CA PHE B 174 11.77 2.65 -5.94
C PHE B 174 10.51 2.81 -6.84
N ALA B 175 9.35 2.49 -6.31
CA ALA B 175 8.09 2.58 -7.04
C ALA B 175 7.78 4.04 -7.47
N LYS B 176 7.87 4.95 -6.48
CA LYS B 176 7.80 6.37 -6.76
C LYS B 176 8.77 6.80 -7.83
N LEU B 177 10.05 6.48 -7.72
CA LEU B 177 10.98 6.96 -8.75
C LEU B 177 10.67 6.43 -10.13
N VAL B 178 10.29 5.16 -10.21
CA VAL B 178 10.20 4.55 -11.52
C VAL B 178 8.78 4.67 -12.08
N GLY B 179 7.86 5.13 -11.24
CA GLY B 179 6.47 5.23 -11.62
C GLY B 179 5.81 3.89 -11.86
N MET B 180 5.80 3.02 -10.85
CA MET B 180 5.12 1.74 -10.95
C MET B 180 4.54 1.46 -9.59
N SER B 181 3.64 0.50 -9.51
CA SER B 181 2.96 0.26 -8.27
C SER B 181 3.86 -0.38 -7.22
N VAL B 182 3.56 -0.12 -5.97
CA VAL B 182 4.39 -0.69 -4.90
C VAL B 182 4.49 -2.23 -4.96
N LEU B 183 3.36 -2.89 -5.19
CA LEU B 183 3.30 -4.34 -5.37
C LEU B 183 4.33 -4.80 -6.41
N LEU B 184 4.30 -4.17 -7.56
CA LEU B 184 5.10 -4.75 -8.65
C LEU B 184 6.56 -4.46 -8.45
N ALA B 185 6.84 -3.41 -7.70
CA ALA B 185 8.22 -3.02 -7.44
C ALA B 185 8.78 -3.99 -6.44
N LYS B 186 7.99 -4.41 -5.45
CA LYS B 186 8.48 -5.39 -4.48
C LYS B 186 8.96 -6.64 -5.23
N GLU B 187 8.13 -7.19 -6.12
CA GLU B 187 8.45 -8.35 -6.88
C GLU B 187 9.73 -8.11 -7.65
N ARG B 188 9.80 -6.99 -8.31
CA ARG B 188 10.95 -6.74 -9.15
C ARG B 188 12.25 -6.76 -8.34
N LEU B 189 12.24 -6.24 -7.14
CA LEU B 189 13.46 -6.16 -6.37
C LEU B 189 13.82 -7.53 -5.70
N LEU B 190 12.81 -8.26 -5.24
CA LEU B 190 13.00 -9.55 -4.71
C LEU B 190 13.63 -10.49 -5.75
N LEU B 191 13.31 -10.22 -7.01
CA LEU B 191 13.74 -11.10 -8.08
C LEU B 191 15.18 -10.78 -8.31
N ALA B 192 15.51 -9.50 -8.25
CA ALA B 192 16.89 -9.08 -8.54
C ALA B 192 17.82 -9.58 -7.42
N GLU B 193 17.23 -9.72 -6.23
CA GLU B 193 17.88 -10.30 -5.07
C GLU B 193 18.09 -11.82 -5.30
N LYS B 194 17.03 -12.54 -5.68
CA LYS B 194 17.09 -13.94 -6.06
C LYS B 194 18.22 -14.18 -7.05
N MET B 195 18.44 -13.22 -7.96
CA MET B 195 19.46 -13.37 -8.99
C MET B 195 20.83 -12.84 -8.54
N GLY B 196 20.93 -12.47 -7.26
CA GLY B 196 22.18 -11.96 -6.73
C GLY B 196 22.61 -10.57 -7.20
N HIS B 197 21.69 -9.79 -7.76
CA HIS B 197 22.07 -8.43 -8.03
C HIS B 197 21.94 -7.43 -6.87
N LEU B 198 21.02 -7.65 -5.92
CA LEU B 198 20.83 -6.74 -4.82
C LEU B 198 20.92 -7.56 -3.55
N CYS B 199 21.45 -7.01 -2.45
CA CYS B 199 21.29 -7.65 -1.13
C CYS B 199 20.36 -6.82 -0.30
N ARG B 200 20.04 -7.26 0.92
CA ARG B 200 19.05 -6.58 1.72
C ARG B 200 19.58 -6.02 3.03
N ASP B 201 18.92 -4.98 3.51
CA ASP B 201 19.31 -4.34 4.73
C ASP B 201 18.05 -4.14 5.49
N ASP B 202 17.75 -5.05 6.40
CA ASP B 202 16.47 -5.00 7.04
C ASP B 202 16.63 -4.45 8.43
N SER B 203 15.95 -3.34 8.67
CA SER B 203 16.03 -2.63 9.95
C SER B 203 14.69 -2.06 10.28
N VAL B 204 14.71 -1.22 11.32
CA VAL B 204 13.52 -0.51 11.80
C VAL B 204 13.21 0.58 10.77
N GLU B 205 14.29 1.07 10.15
CA GLU B 205 14.20 2.02 9.07
C GLU B 205 13.49 1.35 7.88
N GLY B 206 13.40 0.04 7.85
CA GLY B 206 12.73 -0.56 6.72
C GLY B 206 13.62 -1.50 5.96
N LEU B 207 13.05 -2.09 4.92
CA LEU B 207 13.68 -3.14 4.16
C LEU B 207 14.27 -2.49 2.94
N ARG B 208 15.57 -2.23 2.98
CA ARG B 208 16.27 -1.56 1.91
C ARG B 208 17.03 -2.52 1.03
N PHE B 209 17.19 -2.18 -0.25
CA PHE B 209 17.92 -2.98 -1.18
C PHE B 209 19.16 -2.23 -1.56
N TYR B 210 20.27 -2.94 -1.57
CA TYR B 210 21.54 -2.35 -1.86
C TYR B 210 22.16 -3.17 -2.99
N PRO B 211 23.09 -2.59 -3.77
CA PRO B 211 23.86 -3.43 -4.70
C PRO B 211 24.57 -4.58 -3.97
N ASN B 212 24.75 -5.72 -4.63
CA ASN B 212 25.29 -6.87 -3.94
C ASN B 212 26.81 -6.77 -3.88
N LEU B 213 27.30 -5.96 -2.95
CA LEU B 213 28.74 -5.74 -2.85
C LEU B 213 29.51 -7.02 -2.43
N PHE B 214 28.85 -7.93 -1.73
CA PHE B 214 29.41 -9.24 -1.46
C PHE B 214 29.86 -9.98 -2.73
N MET B 215 29.03 -9.98 -3.77
CA MET B 215 29.43 -10.56 -5.07
C MET B 215 30.31 -9.63 -5.93
N THR B 216 30.78 -8.52 -5.35
CA THR B 216 31.95 -7.79 -5.90
C THR B 216 32.99 -7.60 -4.77
N GLN B 217 34.05 -6.83 -5.01
CA GLN B 217 34.97 -6.44 -3.93
C GLN B 217 35.73 -7.61 -3.28
N SER C 4 -11.57 29.33 4.95
CA SER C 4 -11.59 28.61 6.25
C SER C 4 -10.82 27.29 6.16
N PHE C 5 -9.54 27.38 6.54
CA PHE C 5 -8.61 26.25 6.67
C PHE C 5 -9.02 25.21 7.73
N GLU C 6 -8.99 23.94 7.33
CA GLU C 6 -9.24 22.84 8.26
C GLU C 6 -7.90 22.22 8.66
N TRP C 7 -7.83 21.72 9.89
CA TRP C 7 -6.69 20.90 10.33
C TRP C 7 -6.77 19.55 9.62
N PRO C 8 -5.61 18.96 9.31
CA PRO C 8 -5.56 17.67 8.66
C PRO C 8 -5.68 16.51 9.68
N TRP C 9 -6.27 15.39 9.25
CA TRP C 9 -6.36 14.15 10.06
C TRP C 9 -5.07 13.84 10.88
N GLN C 10 -3.89 14.02 10.28
CA GLN C 10 -2.65 13.78 11.01
C GLN C 10 -2.54 14.59 12.28
N TYR C 11 -2.83 15.88 12.19
CA TYR C 11 -2.78 16.73 13.35
C TYR C 11 -3.47 16.13 14.57
N ARG C 12 -4.52 15.36 14.39
CA ARG C 12 -5.21 14.80 15.57
C ARG C 12 -4.78 13.41 16.00
N PHE C 13 -3.73 12.88 15.36
CA PHE C 13 -3.23 11.52 15.53
C PHE C 13 -1.95 11.61 16.34
N PRO C 14 -1.95 11.16 17.60
CA PRO C 14 -0.75 11.27 18.46
C PRO C 14 0.61 11.04 17.81
N PRO C 15 0.79 9.92 17.09
CA PRO C 15 2.08 9.61 16.46
C PRO C 15 2.64 10.70 15.59
N PHE C 16 1.75 11.53 15.00
CA PHE C 16 2.18 12.53 13.98
C PHE C 16 3.28 13.38 14.55
N PHE C 17 3.22 13.50 15.87
CA PHE C 17 4.11 14.33 16.69
C PHE C 17 5.44 13.68 17.08
N THR C 18 5.73 12.49 16.55
CA THR C 18 7.04 11.82 16.75
C THR C 18 7.75 11.49 15.43
N LEU C 19 9.04 11.79 15.33
CA LEU C 19 9.83 11.47 14.10
C LEU C 19 9.76 9.95 13.92
N GLN C 20 9.09 9.51 12.86
CA GLN C 20 8.82 8.10 12.70
C GLN C 20 10.10 7.46 12.20
N PRO C 21 10.48 6.31 12.80
CA PRO C 21 11.70 5.61 12.37
C PRO C 21 11.55 4.91 11.01
N ASN C 22 10.38 4.40 10.69
CA ASN C 22 10.31 3.76 9.40
C ASN C 22 10.46 4.79 8.31
N VAL C 23 11.30 4.54 7.32
CA VAL C 23 11.60 5.59 6.36
C VAL C 23 10.47 5.94 5.35
N ASP C 24 9.57 5.02 5.02
CA ASP C 24 8.52 5.34 4.05
C ASP C 24 7.43 6.15 4.79
N THR C 25 7.23 5.80 6.05
CA THR C 25 6.34 6.58 6.87
C THR C 25 6.88 8.01 7.16
N ARG C 26 8.18 8.16 7.33
CA ARG C 26 8.71 9.43 7.64
C ARG C 26 8.52 10.34 6.44
N GLN C 27 8.84 9.89 5.24
CA GLN C 27 8.64 10.71 4.06
C GLN C 27 7.23 11.28 4.05
N LYS C 28 6.31 10.52 4.62
CA LYS C 28 4.92 10.80 4.50
C LYS C 28 4.54 11.78 5.59
N GLN C 29 5.09 11.52 6.77
CA GLN C 29 4.92 12.39 7.91
C GLN C 29 5.36 13.81 7.49
N LEU C 30 6.51 13.93 6.84
CA LEU C 30 7.12 15.18 6.56
C LEU C 30 6.46 15.89 5.39
N ALA C 31 5.98 15.16 4.39
CA ALA C 31 5.21 15.84 3.41
C ALA C 31 3.97 16.42 4.15
N ALA C 32 3.44 15.74 5.13
CA ALA C 32 2.23 16.28 5.76
C ALA C 32 2.47 17.53 6.67
N TRP C 33 3.65 17.60 7.26
CA TRP C 33 4.04 18.69 8.14
C TRP C 33 4.27 19.93 7.27
N CYS C 34 5.01 19.75 6.18
CA CYS C 34 5.29 20.80 5.23
C CYS C 34 3.99 21.35 4.69
N SER C 35 3.04 20.51 4.38
CA SER C 35 1.85 20.99 3.72
C SER C 35 1.10 21.84 4.73
N LEU C 36 1.20 21.46 5.99
CA LEU C 36 0.46 22.08 7.08
C LEU C 36 1.09 23.41 7.48
N VAL C 37 2.41 23.48 7.59
CA VAL C 37 3.01 24.75 7.95
C VAL C 37 2.61 25.79 6.89
N LEU C 38 2.98 25.56 5.63
CA LEU C 38 2.58 26.41 4.53
C LEU C 38 1.12 26.85 4.57
N SER C 39 0.21 25.95 4.91
CA SER C 39 -1.20 26.32 4.82
C SER C 39 -1.68 27.02 6.11
N PHE C 40 -0.86 26.95 7.17
CA PHE C 40 -1.20 27.57 8.45
C PHE C 40 -0.75 29.04 8.35
N CYS C 41 0.39 29.26 7.71
CA CYS C 41 0.85 30.59 7.43
C CYS C 41 -0.07 31.28 6.44
N ARG C 42 -0.20 30.72 5.24
CA ARG C 42 -1.20 31.21 4.27
C ARG C 42 -2.50 31.68 4.94
N LEU C 43 -2.93 31.00 5.99
CA LEU C 43 -4.20 31.33 6.66
C LEU C 43 -4.06 32.47 7.68
N HIS C 44 -2.94 32.52 8.38
CA HIS C 44 -2.71 33.53 9.40
C HIS C 44 -1.98 34.74 8.83
N LYS C 45 -1.79 34.73 7.52
CA LYS C 45 -1.11 35.82 6.79
C LYS C 45 0.30 36.18 7.29
N GLN C 46 0.94 35.26 8.02
CA GLN C 46 2.29 35.44 8.53
C GLN C 46 3.32 35.08 7.47
N SER C 47 4.40 35.85 7.40
CA SER C 47 5.50 35.56 6.47
C SER C 47 6.80 35.44 7.24
N SER C 48 6.78 35.84 8.50
CA SER C 48 7.99 35.90 9.31
C SER C 48 7.72 35.30 10.68
N MET C 49 8.52 34.29 11.05
CA MET C 49 8.55 33.82 12.44
C MET C 49 9.95 33.40 12.91
N THR C 50 10.06 33.13 14.22
CA THR C 50 11.30 32.66 14.84
C THR C 50 11.13 31.22 15.26
N VAL C 51 12.25 30.53 15.43
CA VAL C 51 12.25 29.14 15.93
C VAL C 51 11.57 29.07 17.30
N MET C 52 11.93 30.00 18.19
CA MET C 52 11.28 30.11 19.50
C MET C 52 9.79 30.44 19.32
N GLU C 53 9.52 31.43 18.47
CA GLU C 53 8.18 31.92 18.17
C GLU C 53 7.28 30.80 17.66
N ALA C 54 7.82 30.00 16.74
CA ALA C 54 7.09 28.86 16.17
C ALA C 54 6.91 27.75 17.20
N GLN C 55 8.01 27.32 17.81
CA GLN C 55 7.98 26.23 18.79
C GLN C 55 6.74 26.25 19.70
N GLU C 56 6.17 27.45 19.92
CA GLU C 56 5.00 27.56 20.78
C GLU C 56 3.62 27.76 20.12
N SER C 57 3.58 27.95 18.80
CA SER C 57 2.30 28.02 18.09
C SER C 57 1.47 26.75 18.31
N PRO C 58 0.13 26.86 18.14
CA PRO C 58 -0.67 25.63 18.08
C PRO C 58 -0.36 24.86 16.78
N LEU C 59 0.68 25.29 16.05
CA LEU C 59 1.11 24.63 14.82
C LEU C 59 1.88 23.36 15.15
N PHE C 60 2.83 23.45 16.10
CA PHE C 60 3.61 22.31 16.54
C PHE C 60 3.25 21.83 17.95
N ASN C 61 2.09 22.21 18.44
CA ASN C 61 1.65 21.87 19.79
C ASN C 61 0.14 21.72 19.83
N ASN C 62 -0.36 20.48 19.74
CA ASN C 62 -1.76 20.18 20.02
C ASN C 62 -1.97 20.06 21.52
N VAL C 63 -2.49 21.12 22.11
CA VAL C 63 -2.59 21.21 23.55
C VAL C 63 -3.59 20.20 24.08
N LYS C 64 -4.67 19.99 23.32
CA LYS C 64 -5.71 19.07 23.75
C LYS C 64 -5.30 17.59 23.65
N LEU C 65 -4.61 17.24 22.56
CA LEU C 65 -4.07 15.90 22.32
C LEU C 65 -2.87 15.62 23.21
N GLN C 66 -2.34 16.69 23.81
CA GLN C 66 -1.19 16.63 24.73
C GLN C 66 0.04 16.05 24.05
N ARG C 67 0.33 16.59 22.86
CA ARG C 67 1.51 16.24 22.10
C ARG C 67 2.08 17.51 21.47
N LYS C 68 3.42 17.61 21.42
CA LYS C 68 4.06 18.69 20.72
C LYS C 68 5.26 18.15 19.97
N LEU C 69 5.52 18.73 18.80
CA LEU C 69 6.62 18.32 17.93
C LEU C 69 7.92 18.82 18.51
N PRO C 70 8.83 17.91 18.93
CA PRO C 70 10.12 18.36 19.47
C PRO C 70 10.92 19.31 18.55
N VAL C 71 11.85 20.02 19.16
CA VAL C 71 12.65 21.03 18.49
C VAL C 71 13.48 20.44 17.37
N GLU C 72 14.11 19.30 17.62
CA GLU C 72 14.96 18.66 16.60
C GLU C 72 14.16 18.33 15.36
N SER C 73 13.01 17.73 15.60
CA SER C 73 12.08 17.36 14.55
C SER C 73 11.60 18.61 13.80
N ILE C 74 11.24 19.68 14.49
CA ILE C 74 10.94 20.92 13.72
C ILE C 74 12.11 21.49 12.94
N GLN C 75 13.30 21.47 13.52
CA GLN C 75 14.46 21.91 12.77
C GLN C 75 14.54 21.09 11.49
N ILE C 76 13.98 19.88 11.52
CA ILE C 76 14.02 18.96 10.40
C ILE C 76 13.05 19.37 9.32
N VAL C 77 11.82 19.67 9.73
CA VAL C 77 10.80 20.14 8.80
C VAL C 77 11.09 21.53 8.24
N LEU C 78 11.66 22.40 9.06
CA LEU C 78 12.05 23.73 8.60
C LEU C 78 13.10 23.55 7.54
N GLU C 79 14.07 22.65 7.77
CA GLU C 79 15.09 22.40 6.77
C GLU C 79 14.52 21.78 5.51
N GLU C 80 13.41 21.07 5.61
CA GLU C 80 12.81 20.51 4.42
C GLU C 80 12.24 21.61 3.55
N LEU C 81 11.45 22.47 4.19
CA LEU C 81 10.91 23.65 3.51
C LEU C 81 12.00 24.51 2.89
N ARG C 82 13.02 24.83 3.67
CA ARG C 82 14.11 25.61 3.14
C ARG C 82 14.60 25.06 1.78
N LYS C 83 14.81 23.75 1.65
CA LYS C 83 15.42 23.26 0.41
C LYS C 83 14.37 23.10 -0.67
N LYS C 84 13.12 22.91 -0.26
CA LYS C 84 12.01 22.92 -1.20
C LYS C 84 11.75 24.32 -1.76
N GLY C 85 12.35 25.33 -1.15
CA GLY C 85 12.31 26.69 -1.69
C GLY C 85 11.36 27.63 -0.96
N ASN C 86 10.60 27.11 0.01
CA ASN C 86 9.58 27.87 0.73
C ASN C 86 10.07 28.66 1.93
N LEU C 87 11.24 28.33 2.44
CA LEU C 87 11.73 28.96 3.66
C LEU C 87 13.11 29.50 3.43
N GLU C 88 13.34 30.70 3.95
CA GLU C 88 14.65 31.36 3.86
C GLU C 88 15.02 31.75 5.29
N TRP C 89 16.26 31.47 5.68
CA TRP C 89 16.76 31.97 6.95
C TRP C 89 17.25 33.40 6.69
N LEU C 90 16.89 34.33 7.57
CA LEU C 90 17.30 35.71 7.38
C LEU C 90 18.07 36.29 8.58
N ASP C 91 18.64 35.39 9.37
CA ASP C 91 19.49 35.77 10.48
C ASP C 91 20.73 34.88 10.51
N LYS C 92 21.89 35.54 10.36
CA LYS C 92 23.22 34.91 10.30
C LYS C 92 23.31 33.52 10.93
N SER C 93 22.81 33.39 12.16
CA SER C 93 22.76 32.10 12.83
C SER C 93 21.35 31.56 12.98
N LYS C 94 20.88 30.91 11.91
CA LYS C 94 19.74 30.00 11.96
C LYS C 94 18.80 30.15 13.19
N SER C 95 18.00 31.22 13.26
CA SER C 95 17.10 31.46 14.41
C SER C 95 15.74 32.12 14.13
N SER C 96 15.67 32.91 13.07
CA SER C 96 14.42 33.56 12.65
C SER C 96 14.38 33.47 11.12
N PHE C 97 13.18 33.27 10.58
CA PHE C 97 13.08 32.89 9.16
C PHE C 97 11.87 33.46 8.46
N LEU C 98 12.03 33.61 7.14
CA LEU C 98 10.95 33.97 6.24
C LEU C 98 10.24 32.71 5.73
N ILE C 99 8.91 32.74 5.78
CA ILE C 99 8.06 31.62 5.43
C ILE C 99 7.07 32.01 4.30
N MET C 100 7.23 31.42 3.11
CA MET C 100 6.49 31.86 1.90
C MET C 100 5.59 30.77 1.33
N TRP C 101 4.31 30.80 1.66
CA TRP C 101 3.42 29.69 1.35
C TRP C 101 3.33 29.28 -0.12
N ARG C 102 3.79 30.14 -1.02
CA ARG C 102 3.93 29.81 -2.43
C ARG C 102 5.31 30.24 -2.83
N ARG C 103 5.87 29.57 -3.82
CA ARG C 103 7.26 29.80 -4.15
C ARG C 103 7.35 31.02 -5.01
N PRO C 104 8.41 31.81 -4.81
CA PRO C 104 8.66 33.06 -5.53
C PRO C 104 8.71 32.90 -7.05
N GLU C 105 8.98 31.65 -7.49
CA GLU C 105 9.23 31.34 -8.89
C GLU C 105 7.89 31.33 -9.59
N GLU C 106 7.00 30.45 -9.15
CA GLU C 106 5.57 30.60 -9.43
C GLU C 106 5.06 32.04 -9.22
N TRP C 107 5.52 32.74 -8.18
CA TRP C 107 5.05 34.15 -8.01
C TRP C 107 5.41 34.96 -9.23
N GLY C 108 6.71 35.17 -9.42
CA GLY C 108 7.22 35.99 -10.53
C GLY C 108 6.66 35.58 -11.89
N LYS C 109 6.31 34.29 -12.00
CA LYS C 109 5.70 33.83 -13.23
C LYS C 109 4.29 34.37 -13.40
N LEU C 110 3.50 34.34 -12.31
CA LEU C 110 2.10 34.80 -12.38
C LEU C 110 2.12 36.29 -12.70
N ILE C 111 3.03 36.97 -12.01
CA ILE C 111 3.20 38.39 -12.13
C ILE C 111 3.62 38.73 -13.55
N TYR C 112 4.46 37.90 -14.15
CA TYR C 112 4.88 38.16 -15.52
C TYR C 112 3.71 37.99 -16.46
N GLN C 113 2.94 36.92 -16.25
CA GLN C 113 1.77 36.64 -17.05
C GLN C 113 0.82 37.84 -16.98
N TRP C 114 0.58 38.35 -15.79
CA TRP C 114 -0.27 39.50 -15.66
C TRP C 114 0.25 40.74 -16.39
N VAL C 115 1.55 40.98 -16.31
CA VAL C 115 2.20 42.08 -17.00
C VAL C 115 2.06 41.92 -18.53
N SER C 116 2.30 40.72 -19.02
CA SER C 116 2.31 40.43 -20.45
C SER C 116 0.93 40.52 -21.13
N ARG C 117 -0.08 39.91 -20.51
CA ARG C 117 -1.46 40.08 -20.97
C ARG C 117 -2.10 41.30 -20.28
N SER C 118 -1.46 42.44 -20.49
CA SER C 118 -1.94 43.71 -19.95
C SER C 118 -1.78 44.81 -20.97
N GLY C 119 -0.88 44.60 -21.93
CA GLY C 119 -0.52 45.63 -22.90
C GLY C 119 0.46 46.57 -22.22
N GLN C 120 1.11 46.08 -21.17
CA GLN C 120 2.09 46.86 -20.42
C GLN C 120 3.40 46.09 -20.37
N ASN C 121 3.87 45.61 -21.52
CA ASN C 121 5.01 44.70 -21.50
C ASN C 121 6.38 45.37 -21.34
N ASN C 122 6.49 46.62 -21.79
CA ASN C 122 7.74 47.34 -21.66
C ASN C 122 7.58 48.61 -20.83
N SER C 123 7.54 48.45 -19.51
CA SER C 123 7.31 49.59 -18.61
C SER C 123 7.56 49.34 -17.11
N VAL C 124 7.31 50.40 -16.34
CA VAL C 124 7.81 50.55 -14.98
C VAL C 124 6.70 50.46 -13.95
N PHE C 125 7.01 49.82 -12.83
CA PHE C 125 6.08 49.70 -11.76
C PHE C 125 6.80 49.92 -10.46
N THR C 126 6.10 50.59 -9.53
CA THR C 126 6.58 50.79 -8.17
C THR C 126 6.25 49.48 -7.53
N LEU C 127 6.89 49.15 -6.42
CA LEU C 127 6.55 47.86 -5.75
C LEU C 127 5.11 47.92 -5.30
N TYR C 128 4.67 49.11 -4.87
CA TYR C 128 3.36 49.31 -4.23
C TYR C 128 2.16 49.00 -5.16
N GLU C 129 2.20 49.63 -6.33
CA GLU C 129 1.30 49.38 -7.47
C GLU C 129 0.99 47.92 -7.80
N LEU C 130 2.01 47.05 -7.82
CA LEU C 130 1.81 45.60 -8.09
C LEU C 130 1.02 44.88 -7.04
N THR C 131 1.31 45.12 -5.76
CA THR C 131 0.70 44.40 -4.62
C THR C 131 -0.65 44.98 -4.17
N ASN C 132 -0.84 46.27 -4.37
CA ASN C 132 -1.93 47.01 -3.74
C ASN C 132 -2.72 47.93 -4.66
N GLY C 133 -2.26 48.03 -5.90
CA GLY C 133 -2.90 48.85 -6.92
C GLY C 133 -4.35 48.59 -7.26
N GLU C 134 -4.87 49.44 -8.15
CA GLU C 134 -6.23 49.29 -8.65
C GLU C 134 -6.18 48.24 -9.74
N ASP C 135 -5.20 48.37 -10.62
CA ASP C 135 -4.93 47.40 -11.70
C ASP C 135 -4.86 45.92 -11.30
N THR C 136 -4.34 45.64 -10.12
CA THR C 136 -4.15 44.25 -9.69
C THR C 136 -5.38 43.68 -9.01
N GLU C 137 -5.76 44.24 -7.85
CA GLU C 137 -6.88 43.76 -7.02
C GLU C 137 -7.32 42.32 -7.22
N ASP C 138 -7.63 41.97 -8.47
CA ASP C 138 -8.18 40.65 -8.81
C ASP C 138 -7.15 39.58 -9.14
N GLU C 139 -5.86 39.90 -8.93
CA GLU C 139 -4.81 38.89 -9.05
C GLU C 139 -4.43 38.22 -7.73
N GLU C 140 -3.62 37.18 -7.84
CA GLU C 140 -3.24 36.35 -6.70
C GLU C 140 -2.20 37.06 -5.86
N PHE C 141 -1.44 37.95 -6.51
CA PHE C 141 -0.35 38.60 -5.80
C PHE C 141 -0.76 39.88 -5.05
N HIS C 142 -2.06 40.21 -5.08
CA HIS C 142 -2.55 41.37 -4.34
C HIS C 142 -2.43 41.03 -2.88
N GLY C 143 -1.82 41.90 -2.10
CA GLY C 143 -1.68 41.63 -0.64
C GLY C 143 -0.46 40.78 -0.27
N LEU C 144 0.41 40.55 -1.25
CA LEU C 144 1.62 39.76 -1.08
C LEU C 144 2.62 40.57 -0.29
N ASP C 145 3.10 40.05 0.84
CA ASP C 145 4.03 40.78 1.70
C ASP C 145 5.33 41.19 0.98
N GLU C 146 5.92 42.31 1.41
CA GLU C 146 7.00 42.93 0.64
C GLU C 146 8.14 41.99 0.35
N ALA C 147 8.45 41.12 1.32
CA ALA C 147 9.62 40.27 1.19
C ALA C 147 9.39 39.21 0.10
N THR C 148 8.25 38.52 0.17
CA THR C 148 7.99 37.51 -0.86
C THR C 148 8.03 38.22 -2.23
N LEU C 149 7.56 39.46 -2.27
CA LEU C 149 7.55 40.19 -3.53
C LEU C 149 8.93 40.43 -4.06
N LEU C 150 9.86 40.81 -3.16
CA LEU C 150 11.28 40.94 -3.53
C LEU C 150 11.78 39.60 -4.08
N ARG C 151 11.80 38.53 -3.28
CA ARG C 151 12.29 37.26 -3.79
C ARG C 151 11.73 37.08 -5.20
N ALA C 152 10.42 37.31 -5.37
CA ALA C 152 9.76 37.13 -6.66
C ALA C 152 10.54 37.83 -7.78
N LEU C 153 10.67 39.15 -7.64
CA LEU C 153 11.30 39.95 -8.65
C LEU C 153 12.80 39.66 -8.72
N GLN C 154 13.33 39.10 -7.65
CA GLN C 154 14.75 38.81 -7.58
C GLN C 154 15.05 37.53 -8.32
N ALA C 155 14.02 36.70 -8.44
CA ALA C 155 14.10 35.47 -9.20
C ALA C 155 13.88 35.85 -10.65
N LEU C 156 12.91 36.74 -10.86
CA LEU C 156 12.61 37.26 -12.18
C LEU C 156 13.79 38.04 -12.79
N GLN C 157 14.56 38.70 -11.93
CA GLN C 157 15.80 39.38 -12.34
C GLN C 157 16.87 38.38 -12.76
N GLN C 158 17.09 37.40 -11.89
CA GLN C 158 18.08 36.35 -12.10
C GLN C 158 17.86 35.57 -13.39
N GLU C 159 16.61 35.51 -13.86
CA GLU C 159 16.32 34.90 -15.16
C GLU C 159 16.75 35.87 -16.25
N HIS C 160 15.82 36.65 -16.80
CA HIS C 160 16.12 37.77 -17.69
C HIS C 160 14.92 38.68 -17.93
N LYS C 161 13.96 38.66 -17.00
CA LYS C 161 12.64 39.23 -17.27
C LYS C 161 12.31 40.52 -16.51
N ALA C 162 13.17 40.90 -15.56
CA ALA C 162 12.92 42.06 -14.70
C ALA C 162 14.21 42.66 -14.11
N GLU C 163 14.24 44.00 -13.97
CA GLU C 163 15.30 44.70 -13.22
C GLU C 163 14.68 45.51 -12.09
N ILE C 164 15.23 45.42 -10.87
CA ILE C 164 14.70 46.19 -9.74
C ILE C 164 15.41 47.54 -9.61
N ILE C 165 14.62 48.61 -9.61
CA ILE C 165 15.13 49.98 -9.77
C ILE C 165 15.07 50.80 -8.48
N THR C 166 14.40 51.95 -8.53
CA THR C 166 14.50 53.00 -7.51
C THR C 166 13.46 54.13 -7.71
N VAL C 167 12.87 54.23 -8.90
CA VAL C 167 11.61 54.97 -9.15
C VAL C 167 11.40 56.33 -8.40
N SER C 168 10.17 56.86 -8.48
CA SER C 168 9.79 58.21 -7.99
C SER C 168 10.58 58.73 -6.80
N ASP C 169 10.07 58.40 -5.60
CA ASP C 169 10.83 58.48 -4.35
C ASP C 169 10.73 57.08 -3.64
N GLY C 170 11.09 56.01 -4.35
CA GLY C 170 10.93 54.68 -3.76
C GLY C 170 11.61 53.48 -4.40
N ARG C 171 11.00 52.30 -4.18
CA ARG C 171 11.51 51.00 -4.67
C ARG C 171 10.73 50.56 -5.94
N GLY C 172 11.47 50.30 -7.03
CA GLY C 172 10.84 50.14 -8.35
C GLY C 172 11.17 48.83 -9.05
N VAL C 173 10.59 48.63 -10.24
CA VAL C 173 10.90 47.48 -11.10
C VAL C 173 10.45 47.66 -12.53
N LYS C 174 11.39 47.49 -13.45
CA LYS C 174 11.13 47.54 -14.89
C LYS C 174 10.95 46.10 -15.39
N PHE C 175 9.95 45.89 -16.23
CA PHE C 175 9.71 44.58 -16.81
C PHE C 175 10.15 44.59 -18.25
N PHE C 176 10.69 43.46 -18.68
CA PHE C 176 11.15 43.25 -20.05
C PHE C 176 10.09 42.48 -20.82
N PHE D 5 41.58 -6.80 14.35
CA PHE D 5 42.47 -5.72 13.83
C PHE D 5 41.56 -4.65 13.21
N GLU D 6 41.99 -4.05 12.10
CA GLU D 6 41.29 -2.93 11.46
C GLU D 6 40.00 -3.40 10.78
N TRP D 7 38.91 -2.66 11.04
CA TRP D 7 37.55 -3.01 10.60
C TRP D 7 37.40 -3.15 9.08
N PRO D 8 36.79 -4.26 8.62
CA PRO D 8 36.62 -4.51 7.18
C PRO D 8 35.42 -3.78 6.55
N TRP D 9 35.49 -3.53 5.24
CA TRP D 9 34.47 -2.78 4.53
C TRP D 9 33.03 -3.26 4.82
N GLN D 10 32.88 -4.55 5.10
CA GLN D 10 31.58 -5.13 5.45
C GLN D 10 31.01 -4.49 6.72
N TYR D 11 31.88 -4.27 7.70
CA TYR D 11 31.48 -3.70 8.98
C TYR D 11 30.90 -2.30 8.84
N ARG D 12 31.16 -1.67 7.71
CA ARG D 12 30.56 -0.37 7.36
C ARG D 12 29.40 -0.52 6.38
N PHE D 13 29.07 -1.76 6.03
CA PHE D 13 28.05 -2.05 5.03
C PHE D 13 26.77 -2.56 5.70
N PRO D 14 25.74 -1.71 5.77
CA PRO D 14 24.52 -2.07 6.53
C PRO D 14 23.91 -3.48 6.28
N PRO D 15 23.87 -3.96 5.02
CA PRO D 15 23.28 -5.29 4.77
C PRO D 15 24.03 -6.46 5.42
N PHE D 16 25.21 -6.17 5.93
CA PHE D 16 26.05 -7.17 6.54
C PHE D 16 25.44 -7.61 7.89
N PHE D 17 24.57 -6.78 8.45
CA PHE D 17 24.00 -7.13 9.72
C PHE D 17 22.59 -7.73 9.54
N THR D 18 22.15 -7.94 8.28
CA THR D 18 21.00 -8.79 8.01
C THR D 18 21.47 -10.03 7.27
N LEU D 19 21.13 -11.20 7.78
CA LEU D 19 21.36 -12.49 7.13
C LEU D 19 20.73 -12.46 5.77
N GLN D 20 21.54 -12.59 4.71
CA GLN D 20 21.00 -12.62 3.36
C GLN D 20 20.27 -13.92 3.05
N PRO D 21 19.08 -13.83 2.45
CA PRO D 21 18.39 -15.03 2.05
C PRO D 21 18.91 -15.69 0.77
N ASN D 22 19.71 -14.97 -0.02
CA ASN D 22 20.29 -15.53 -1.26
C ASN D 22 21.52 -16.38 -0.90
N VAL D 23 21.48 -17.66 -1.29
CA VAL D 23 22.46 -18.68 -0.80
C VAL D 23 23.92 -18.37 -1.17
N ASP D 24 24.15 -17.89 -2.41
CA ASP D 24 25.49 -17.43 -2.79
C ASP D 24 25.98 -16.34 -1.87
N THR D 25 25.10 -15.36 -1.65
CA THR D 25 25.39 -14.16 -0.85
C THR D 25 25.59 -14.50 0.61
N ARG D 26 24.71 -15.33 1.15
CA ARG D 26 24.84 -15.77 2.53
C ARG D 26 26.19 -16.42 2.80
N GLN D 27 26.70 -17.21 1.84
CA GLN D 27 27.96 -17.87 2.06
C GLN D 27 29.02 -16.80 2.29
N LYS D 28 29.24 -15.97 1.29
CA LYS D 28 30.17 -14.86 1.38
C LYS D 28 29.96 -14.07 2.67
N GLN D 29 28.69 -13.84 3.04
CA GLN D 29 28.36 -13.18 4.31
C GLN D 29 28.88 -14.01 5.48
N LEU D 30 28.33 -15.22 5.64
CA LEU D 30 28.71 -16.16 6.70
C LEU D 30 30.22 -16.27 6.85
N ALA D 31 30.92 -16.39 5.72
CA ALA D 31 32.38 -16.46 5.70
C ALA D 31 32.99 -15.22 6.32
N ALA D 32 32.70 -14.07 5.74
CA ALA D 32 33.20 -12.78 6.20
C ALA D 32 33.01 -12.57 7.71
N TRP D 33 31.89 -13.06 8.24
CA TRP D 33 31.60 -13.05 9.70
C TRP D 33 32.53 -13.92 10.53
N CYS D 34 32.82 -15.12 10.02
CA CYS D 34 33.77 -16.05 10.67
C CYS D 34 35.14 -15.39 10.67
N SER D 35 35.56 -14.91 9.50
CA SER D 35 36.84 -14.24 9.33
C SER D 35 37.05 -13.07 10.30
N LEU D 36 35.95 -12.42 10.70
CA LEU D 36 36.02 -11.26 11.58
C LEU D 36 36.04 -11.62 13.06
N VAL D 37 35.15 -12.51 13.49
CA VAL D 37 35.10 -12.95 14.89
C VAL D 37 36.40 -13.64 15.33
N LEU D 38 36.98 -14.46 14.44
CA LEU D 38 38.27 -15.08 14.74
C LEU D 38 39.39 -14.03 14.73
N SER D 39 39.20 -12.96 13.96
CA SER D 39 40.17 -11.87 13.82
C SER D 39 40.12 -10.89 14.99
N PHE D 40 38.94 -10.67 15.54
CA PHE D 40 38.74 -9.67 16.60
C PHE D 40 39.35 -10.11 17.94
N CYS D 41 39.38 -11.41 18.19
CA CYS D 41 39.80 -11.96 19.47
C CYS D 41 41.29 -11.72 19.80
N ARG D 42 41.93 -10.91 18.96
CA ARG D 42 43.29 -10.44 19.19
C ARG D 42 43.26 -9.13 20.01
N LEU D 43 42.37 -8.22 19.63
CA LEU D 43 42.21 -6.93 20.32
C LEU D 43 41.75 -7.11 21.77
N HIS D 44 40.58 -7.72 21.95
CA HIS D 44 40.02 -7.95 23.29
C HIS D 44 40.74 -9.08 24.04
N LYS D 45 41.53 -9.87 23.31
CA LYS D 45 42.33 -10.99 23.84
C LYS D 45 41.51 -12.18 24.36
N GLN D 46 40.48 -11.90 25.15
CA GLN D 46 39.56 -12.92 25.67
C GLN D 46 39.12 -13.87 24.57
N SER D 47 39.07 -15.16 24.90
CA SER D 47 38.56 -16.15 23.97
C SER D 47 37.51 -17.06 24.62
N SER D 48 36.31 -16.50 24.82
CA SER D 48 35.13 -17.18 25.40
C SER D 48 34.13 -16.19 26.00
N MET D 49 32.84 -16.55 25.97
CA MET D 49 31.75 -15.75 26.55
C MET D 49 30.37 -16.45 26.43
N THR D 50 29.31 -15.64 26.31
CA THR D 50 27.94 -16.13 26.10
C THR D 50 27.19 -15.33 25.02
N VAL D 51 25.95 -15.73 24.75
CA VAL D 51 25.10 -15.07 23.74
C VAL D 51 24.93 -13.58 24.04
N MET D 52 24.42 -13.29 25.25
CA MET D 52 24.18 -11.91 25.71
C MET D 52 25.45 -11.05 25.81
N GLU D 53 26.58 -11.69 26.08
CA GLU D 53 27.87 -11.01 26.21
C GLU D 53 28.27 -10.34 24.90
N ALA D 54 28.05 -11.04 23.79
CA ALA D 54 28.38 -10.54 22.47
C ALA D 54 27.44 -9.41 22.03
N GLN D 55 26.18 -9.51 22.41
CA GLN D 55 25.13 -8.52 22.03
C GLN D 55 25.52 -7.05 22.24
N GLU D 56 26.27 -6.76 23.30
CA GLU D 56 26.76 -5.39 23.54
C GLU D 56 28.26 -5.24 23.24
N SER D 57 28.80 -6.18 22.45
CA SER D 57 30.18 -6.12 22.02
C SER D 57 30.28 -5.51 20.61
N PRO D 58 31.27 -4.61 20.41
CA PRO D 58 31.53 -3.91 19.14
C PRO D 58 31.67 -4.79 17.89
N LEU D 59 31.98 -6.07 18.05
CA LEU D 59 32.09 -6.97 16.89
C LEU D 59 30.72 -7.27 16.27
N PHE D 60 29.68 -7.16 17.09
CA PHE D 60 28.31 -7.43 16.64
C PHE D 60 27.42 -6.17 16.67
N ASN D 61 27.95 -5.08 17.21
CA ASN D 61 27.18 -3.87 17.48
C ASN D 61 27.90 -2.60 17.00
N ASN D 62 27.51 -2.11 15.83
CA ASN D 62 28.03 -0.86 15.30
C ASN D 62 27.04 0.26 15.59
N VAL D 63 27.44 1.16 16.49
CA VAL D 63 26.57 2.21 17.00
C VAL D 63 26.56 3.46 16.13
N LYS D 64 27.72 3.81 15.56
CA LYS D 64 27.84 5.03 14.74
C LYS D 64 27.05 4.86 13.47
N LEU D 65 27.12 3.67 12.90
CA LEU D 65 26.19 3.26 11.85
C LEU D 65 24.84 3.05 12.56
N GLN D 66 24.17 1.95 12.27
CA GLN D 66 23.03 1.51 13.08
C GLN D 66 22.88 0.00 12.95
N ARG D 67 21.86 -0.56 13.59
CA ARG D 67 21.62 -2.03 13.63
C ARG D 67 22.76 -2.91 14.17
N LYS D 68 22.34 -4.05 14.69
CA LYS D 68 23.23 -5.07 15.22
C LYS D 68 22.77 -6.45 14.74
N LEU D 69 23.63 -7.45 14.86
CA LEU D 69 23.31 -8.81 14.39
C LEU D 69 22.29 -9.43 15.34
N PRO D 70 21.06 -9.66 14.86
CA PRO D 70 20.02 -10.28 15.70
C PRO D 70 20.49 -11.55 16.43
N VAL D 71 20.06 -11.71 17.68
CA VAL D 71 20.41 -12.87 18.49
C VAL D 71 20.20 -14.19 17.73
N GLU D 72 19.09 -14.28 17.02
CA GLU D 72 18.75 -15.49 16.29
C GLU D 72 19.82 -15.78 15.25
N SER D 73 20.25 -14.74 14.57
CA SER D 73 21.30 -14.83 13.55
C SER D 73 22.67 -15.11 14.14
N ILE D 74 22.86 -14.74 15.40
CA ILE D 74 24.12 -15.02 16.07
C ILE D 74 24.32 -16.53 16.17
N GLN D 75 23.20 -17.24 16.36
CA GLN D 75 23.22 -18.69 16.51
C GLN D 75 23.60 -19.41 15.21
N ILE D 76 23.43 -18.74 14.08
CA ILE D 76 23.75 -19.34 12.79
C ILE D 76 25.26 -19.27 12.53
N VAL D 77 25.82 -18.06 12.65
CA VAL D 77 27.26 -17.82 12.51
C VAL D 77 28.08 -18.61 13.52
N LEU D 78 27.49 -18.89 14.67
CA LEU D 78 28.15 -19.68 15.71
C LEU D 78 28.26 -21.14 15.32
N GLU D 79 27.16 -21.73 14.85
CA GLU D 79 27.15 -23.13 14.43
C GLU D 79 28.27 -23.43 13.44
N GLU D 80 28.41 -22.55 12.45
CA GLU D 80 29.48 -22.63 11.45
C GLU D 80 30.84 -22.43 12.09
N LEU D 81 30.86 -21.64 13.16
CA LEU D 81 32.09 -21.29 13.85
C LEU D 81 32.50 -22.41 14.79
N ARG D 82 31.55 -23.31 15.07
CA ARG D 82 31.83 -24.50 15.86
C ARG D 82 32.19 -25.65 14.94
N LYS D 83 31.46 -25.78 13.84
CA LYS D 83 31.72 -26.85 12.89
C LYS D 83 32.87 -26.49 11.92
N LYS D 84 33.61 -25.44 12.29
CA LYS D 84 34.87 -25.08 11.64
C LYS D 84 35.98 -25.47 12.60
N GLY D 85 35.59 -25.94 13.78
CA GLY D 85 36.46 -25.94 14.96
C GLY D 85 36.31 -24.55 15.56
N ASN D 86 37.25 -24.17 16.43
CA ASN D 86 37.24 -22.84 17.06
C ASN D 86 36.01 -22.55 17.93
N LEU D 87 35.35 -23.63 18.41
CA LEU D 87 34.22 -23.50 19.34
C LEU D 87 33.76 -24.83 19.96
N GLU D 88 33.21 -24.72 21.16
CA GLU D 88 32.47 -25.78 21.82
C GLU D 88 31.47 -25.12 22.76
N TRP D 89 30.31 -25.74 22.93
CA TRP D 89 29.38 -25.33 23.97
C TRP D 89 29.77 -26.00 25.29
N LEU D 90 29.91 -25.20 26.34
CA LEU D 90 30.34 -25.74 27.64
C LEU D 90 29.20 -26.16 28.57
N ASP D 91 27.96 -26.14 28.06
CA ASP D 91 26.80 -26.74 28.75
C ASP D 91 25.71 -27.27 27.80
N LYS D 92 25.02 -28.32 28.25
CA LYS D 92 23.98 -28.98 27.46
C LYS D 92 22.61 -28.33 27.56
N SER D 93 22.51 -27.25 28.33
CA SER D 93 21.27 -26.47 28.44
C SER D 93 21.23 -25.33 27.44
N LYS D 94 22.14 -25.36 26.47
CA LYS D 94 22.17 -24.40 25.34
C LYS D 94 22.23 -22.93 25.77
N SER D 95 23.45 -22.49 26.11
CA SER D 95 23.78 -21.08 26.43
C SER D 95 25.23 -21.03 26.91
N SER D 96 25.98 -20.04 26.43
CA SER D 96 27.42 -19.85 26.77
C SER D 96 28.33 -20.81 26.00
N PHE D 97 29.45 -20.28 25.49
CA PHE D 97 30.30 -20.99 24.54
C PHE D 97 31.81 -20.76 24.74
N LEU D 98 32.61 -21.54 24.03
CA LEU D 98 34.07 -21.40 24.03
C LEU D 98 34.59 -21.14 22.63
N ILE D 99 34.88 -19.88 22.32
CA ILE D 99 35.42 -19.49 21.00
C ILE D 99 36.95 -19.31 21.05
N MET D 100 37.66 -20.17 20.34
CA MET D 100 39.13 -20.25 20.38
C MET D 100 39.85 -19.10 19.67
N TRP D 101 40.65 -19.46 18.66
CA TRP D 101 41.43 -18.53 17.87
C TRP D 101 42.20 -19.30 16.80
#